data_3D1D
#
_entry.id   3D1D
#
_cell.length_a   84.891
_cell.length_b   84.891
_cell.length_c   165.724
_cell.angle_alpha   90.00
_cell.angle_beta   90.00
_cell.angle_gamma   120.00
#
_symmetry.space_group_name_H-M   'P 65'
#
loop_
_entity.id
_entity.type
_entity.pdbx_description
1 polymer 'RNA-induced transcriptional silencing complex protein tas3'
2 water water
#
_entity_poly.entity_id   1
_entity_poly.type   'polypeptide(L)'
_entity_poly.pdbx_seq_one_letter_code
;GSHMNPLASLTTDKNDLYINWLKSLSFFQTNSSCAEALVKVIPHYHNKLIDFSQVLQLVFSASEKFPIQENQPLPEQLMF
LSNLEKQTPFAKAVGSSIYKLVTGKNLSLDFASQILKEASILEH
;
_entity_poly.pdbx_strand_id   A,B,C,D,E,F
#
# COMPACT_ATOMS: atom_id res chain seq x y z
N ASN A 15 -10.27 -1.87 5.17
CA ASN A 15 -11.16 -1.08 6.09
C ASN A 15 -12.60 -1.21 5.65
N ASP A 16 -12.91 -0.68 4.48
CA ASP A 16 -14.26 -0.79 3.95
C ASP A 16 -14.18 -1.87 2.88
N LEU A 17 -12.95 -2.16 2.47
CA LEU A 17 -12.68 -3.19 1.47
C LEU A 17 -13.01 -4.53 2.11
N TYR A 18 -12.41 -4.77 3.28
CA TYR A 18 -12.61 -6.00 4.04
C TYR A 18 -14.03 -6.15 4.56
N ILE A 19 -14.58 -5.06 5.10
CA ILE A 19 -15.95 -5.10 5.63
C ILE A 19 -16.90 -5.63 4.58
N ASN A 20 -16.56 -5.40 3.32
CA ASN A 20 -17.40 -5.86 2.24
C ASN A 20 -17.12 -7.28 1.81
N TRP A 21 -15.85 -7.60 1.55
CA TRP A 21 -15.50 -8.96 1.14
C TRP A 21 -16.13 -9.93 2.13
N LEU A 22 -16.10 -9.55 3.40
CA LEU A 22 -16.68 -10.38 4.45
C LEU A 22 -18.17 -10.60 4.18
N LYS A 23 -18.87 -9.52 3.85
CA LYS A 23 -20.29 -9.60 3.56
C LYS A 23 -20.57 -10.40 2.27
N SER A 24 -19.51 -10.78 1.57
CA SER A 24 -19.63 -11.55 0.33
C SER A 24 -19.50 -13.04 0.57
N LEU A 25 -18.74 -13.41 1.59
CA LEU A 25 -18.54 -14.80 1.93
C LEU A 25 -19.91 -15.43 2.09
N SER A 26 -20.12 -16.54 1.39
CA SER A 26 -21.39 -17.25 1.44
C SER A 26 -21.71 -17.58 2.88
N PHE A 27 -20.70 -18.04 3.62
CA PHE A 27 -20.88 -18.41 5.01
C PHE A 27 -21.45 -17.26 5.83
N PHE A 28 -21.02 -16.04 5.52
CA PHE A 28 -21.48 -14.85 6.24
C PHE A 28 -22.95 -14.54 6.00
N GLN A 29 -23.35 -14.64 4.73
CA GLN A 29 -24.72 -14.35 4.33
C GLN A 29 -25.74 -15.36 4.84
N THR A 30 -25.39 -16.64 4.87
CA THR A 30 -26.34 -17.64 5.35
C THR A 30 -26.44 -17.75 6.88
N ASN A 31 -25.64 -16.95 7.60
CA ASN A 31 -25.68 -16.98 9.07
C ASN A 31 -26.18 -15.66 9.65
N SER A 32 -27.45 -15.64 10.04
CA SER A 32 -28.06 -14.45 10.62
C SER A 32 -27.20 -13.85 11.73
N SER A 33 -26.90 -14.69 12.71
CA SER A 33 -26.10 -14.29 13.87
C SER A 33 -24.81 -13.56 13.54
N CYS A 34 -24.27 -13.82 12.35
CA CYS A 34 -23.03 -13.18 11.91
C CYS A 34 -23.20 -11.71 11.51
N ALA A 35 -24.34 -11.38 10.90
CA ALA A 35 -24.60 -10.00 10.48
C ALA A 35 -24.90 -9.16 11.72
N GLU A 36 -25.61 -9.75 12.68
CA GLU A 36 -25.95 -9.06 13.92
C GLU A 36 -24.66 -8.76 14.66
N ALA A 37 -23.78 -9.74 14.69
CA ALA A 37 -22.49 -9.60 15.35
C ALA A 37 -21.77 -8.42 14.74
N LEU A 38 -21.45 -8.52 13.45
CA LEU A 38 -20.73 -7.48 12.72
C LEU A 38 -21.23 -6.05 12.96
N VAL A 39 -22.49 -5.91 13.39
CA VAL A 39 -23.03 -4.59 13.64
C VAL A 39 -22.61 -4.06 15.02
N LYS A 40 -22.53 -4.97 15.99
CA LYS A 40 -22.13 -4.60 17.35
C LYS A 40 -20.60 -4.53 17.48
N VAL A 41 -19.92 -5.23 16.56
CA VAL A 41 -18.46 -5.31 16.52
C VAL A 41 -17.78 -4.20 15.73
N ILE A 42 -18.24 -3.96 14.50
CA ILE A 42 -17.65 -2.97 13.62
C ILE A 42 -17.38 -1.58 14.26
N PRO A 43 -18.19 -1.17 15.25
CA PRO A 43 -17.94 0.12 15.88
C PRO A 43 -16.61 0.12 16.64
N HIS A 44 -16.33 -1.00 17.31
CA HIS A 44 -15.10 -1.16 18.08
C HIS A 44 -13.92 -1.22 17.11
N TYR A 45 -14.25 -1.54 15.86
CA TYR A 45 -13.27 -1.63 14.78
C TYR A 45 -12.92 -0.24 14.29
N HIS A 46 -13.92 0.61 14.18
CA HIS A 46 -13.67 1.97 13.72
C HIS A 46 -13.03 2.82 14.81
N ASN A 47 -13.45 2.59 16.05
CA ASN A 47 -12.92 3.34 17.17
C ASN A 47 -11.49 2.95 17.50
N LYS A 48 -10.90 2.11 16.66
CA LYS A 48 -9.53 1.63 16.84
C LYS A 48 -9.27 0.85 18.15
N LEU A 49 -10.18 -0.07 18.49
CA LEU A 49 -10.00 -0.88 19.68
C LEU A 49 -9.58 -2.28 19.23
N ILE A 50 -10.08 -2.72 18.08
CA ILE A 50 -9.73 -4.03 17.52
C ILE A 50 -9.33 -3.90 16.05
N ASP A 51 -8.61 -4.88 15.52
CA ASP A 51 -8.23 -4.87 14.11
C ASP A 51 -9.18 -5.78 13.34
N PHE A 52 -8.98 -5.95 12.04
CA PHE A 52 -9.91 -6.77 11.27
C PHE A 52 -9.88 -8.27 11.55
N SER A 53 -8.72 -8.77 11.99
CA SER A 53 -8.62 -10.19 12.32
C SER A 53 -9.56 -10.49 13.47
N GLN A 54 -9.55 -9.60 14.46
CA GLN A 54 -10.39 -9.75 15.63
C GLN A 54 -11.86 -9.62 15.27
N VAL A 55 -12.16 -8.77 14.30
CA VAL A 55 -13.54 -8.60 13.83
C VAL A 55 -14.02 -9.91 13.21
N LEU A 56 -13.15 -10.56 12.42
CA LEU A 56 -13.50 -11.82 11.77
C LEU A 56 -13.65 -12.96 12.78
N GLN A 57 -12.79 -13.01 13.79
CA GLN A 57 -12.90 -14.08 14.78
C GLN A 57 -14.18 -13.91 15.57
N LEU A 58 -14.44 -12.68 15.99
CA LEU A 58 -15.65 -12.36 16.74
C LEU A 58 -16.91 -12.59 15.91
N VAL A 59 -16.83 -12.32 14.61
CA VAL A 59 -18.00 -12.54 13.78
C VAL A 59 -18.25 -14.03 13.65
N PHE A 60 -17.26 -14.80 13.23
CA PHE A 60 -17.45 -16.24 13.08
C PHE A 60 -17.79 -17.01 14.36
N SER A 61 -17.43 -16.46 15.53
CA SER A 61 -17.71 -17.16 16.77
C SER A 61 -19.20 -17.20 17.08
N ALA A 62 -19.95 -16.29 16.45
CA ALA A 62 -21.39 -16.22 16.64
C ALA A 62 -22.12 -17.18 15.71
N SER A 63 -21.37 -17.80 14.80
CA SER A 63 -21.92 -18.75 13.85
C SER A 63 -22.74 -19.83 14.53
N GLU A 64 -23.51 -20.57 13.73
CA GLU A 64 -24.36 -21.65 14.21
C GLU A 64 -24.63 -22.66 13.11
N LYS A 65 -25.01 -22.14 11.93
CA LYS A 65 -25.33 -22.97 10.77
C LYS A 65 -24.08 -23.43 10.01
N PHE A 66 -23.68 -24.68 10.21
CA PHE A 66 -22.53 -25.24 9.52
C PHE A 66 -22.38 -26.73 9.78
N PRO A 67 -21.91 -27.50 8.77
CA PRO A 67 -21.74 -28.93 8.97
C PRO A 67 -20.71 -29.24 10.03
N ILE A 68 -20.99 -30.25 10.85
CA ILE A 68 -20.06 -30.65 11.90
C ILE A 68 -19.44 -31.98 11.47
N GLN A 69 -18.32 -32.31 12.07
CA GLN A 69 -17.59 -33.55 11.79
C GLN A 69 -16.60 -33.72 12.91
N GLU A 70 -16.96 -34.57 13.87
CA GLU A 70 -16.13 -34.83 15.03
C GLU A 70 -14.91 -35.69 14.67
N ASN A 71 -13.80 -35.40 15.35
CA ASN A 71 -12.53 -36.10 15.17
C ASN A 71 -12.07 -36.25 13.72
N GLN A 72 -11.35 -35.24 13.26
CA GLN A 72 -10.84 -35.20 11.89
C GLN A 72 -9.34 -35.43 11.95
N PRO A 73 -8.84 -36.39 11.15
CA PRO A 73 -7.42 -36.76 11.07
C PRO A 73 -6.47 -35.58 11.00
N LEU A 74 -5.33 -35.73 11.68
CA LEU A 74 -4.31 -34.70 11.73
C LEU A 74 -3.71 -34.42 10.34
N PRO A 75 -3.56 -35.46 9.51
CA PRO A 75 -3.00 -35.16 8.19
C PRO A 75 -3.86 -34.11 7.48
N GLU A 76 -5.17 -34.33 7.49
CA GLU A 76 -6.10 -33.40 6.86
C GLU A 76 -5.90 -32.01 7.45
N GLN A 77 -5.85 -31.96 8.79
CA GLN A 77 -5.67 -30.71 9.49
C GLN A 77 -4.42 -29.99 9.01
N LEU A 78 -3.30 -30.68 8.99
CA LEU A 78 -2.00 -30.12 8.57
C LEU A 78 -1.95 -29.61 7.14
N MET A 79 -2.61 -30.31 6.23
CA MET A 79 -2.59 -29.90 4.84
C MET A 79 -3.21 -28.51 4.78
N PHE A 80 -4.35 -28.37 5.44
CA PHE A 80 -5.09 -27.11 5.48
C PHE A 80 -4.27 -25.97 6.07
N LEU A 81 -3.70 -26.16 7.25
CA LEU A 81 -2.91 -25.12 7.86
C LEU A 81 -1.75 -24.71 6.98
N SER A 82 -1.21 -25.69 6.23
CA SER A 82 -0.09 -25.44 5.32
C SER A 82 -0.57 -24.55 4.18
N ASN A 83 -1.70 -24.91 3.59
CA ASN A 83 -2.28 -24.11 2.51
C ASN A 83 -2.55 -22.71 3.03
N LEU A 84 -3.18 -22.64 4.20
CA LEU A 84 -3.52 -21.38 4.85
C LEU A 84 -2.30 -20.47 5.07
N GLU A 85 -1.15 -21.09 5.29
CA GLU A 85 0.08 -20.36 5.54
C GLU A 85 0.57 -19.62 4.29
N LYS A 86 0.14 -20.09 3.12
CA LYS A 86 0.52 -19.51 1.84
C LYS A 86 -0.55 -18.60 1.26
N GLN A 87 -1.61 -18.35 2.02
CA GLN A 87 -2.69 -17.50 1.53
C GLN A 87 -2.33 -16.02 1.57
N THR A 88 -3.26 -15.21 1.07
CA THR A 88 -3.10 -13.76 1.03
C THR A 88 -3.84 -13.14 2.23
N PRO A 89 -3.35 -11.99 2.72
CA PRO A 89 -3.92 -11.25 3.86
C PRO A 89 -5.32 -11.64 4.33
N PHE A 90 -6.33 -11.03 3.71
CA PHE A 90 -7.72 -11.28 4.07
C PHE A 90 -8.13 -12.74 4.20
N ALA A 91 -7.74 -13.57 3.24
CA ALA A 91 -8.11 -14.99 3.27
C ALA A 91 -7.39 -15.75 4.39
N LYS A 92 -6.22 -15.29 4.79
CA LYS A 92 -5.49 -15.96 5.87
C LYS A 92 -6.22 -15.71 7.19
N ALA A 93 -6.73 -14.49 7.36
CA ALA A 93 -7.47 -14.11 8.55
C ALA A 93 -8.78 -14.87 8.56
N VAL A 94 -9.50 -14.82 7.44
CA VAL A 94 -10.77 -15.52 7.35
C VAL A 94 -10.56 -17.00 7.70
N GLY A 95 -9.51 -17.58 7.13
CA GLY A 95 -9.18 -18.98 7.37
C GLY A 95 -8.92 -19.28 8.83
N SER A 96 -7.97 -18.56 9.40
CA SER A 96 -7.60 -18.71 10.82
C SER A 96 -8.79 -18.56 11.77
N SER A 97 -9.63 -17.56 11.50
CA SER A 97 -10.81 -17.34 12.33
C SER A 97 -11.74 -18.55 12.24
N ILE A 98 -11.78 -19.18 11.06
CA ILE A 98 -12.63 -20.33 10.83
C ILE A 98 -12.02 -21.60 11.43
N TYR A 99 -10.71 -21.64 11.54
CA TYR A 99 -10.08 -22.81 12.13
C TYR A 99 -10.49 -22.95 13.60
N LYS A 100 -10.72 -21.81 14.27
CA LYS A 100 -11.16 -21.83 15.66
C LYS A 100 -12.43 -22.67 15.73
N LEU A 101 -13.34 -22.40 14.79
CA LEU A 101 -14.60 -23.12 14.71
C LEU A 101 -14.41 -24.59 14.39
N VAL A 102 -13.35 -24.89 13.62
CA VAL A 102 -13.02 -26.26 13.25
C VAL A 102 -12.60 -27.04 14.51
N THR A 103 -11.48 -26.62 15.11
CA THR A 103 -11.00 -27.29 16.31
C THR A 103 -11.93 -27.13 17.51
N GLY A 104 -12.62 -26.00 17.59
CA GLY A 104 -13.49 -25.77 18.72
C GLY A 104 -14.90 -26.34 18.70
N LYS A 105 -15.61 -26.13 17.58
CA LYS A 105 -16.98 -26.59 17.47
C LYS A 105 -17.16 -27.71 16.45
N ASN A 106 -16.05 -28.24 15.96
CA ASN A 106 -16.07 -29.33 15.00
C ASN A 106 -16.59 -28.99 13.61
N LEU A 107 -16.47 -27.73 13.22
CA LEU A 107 -16.89 -27.34 11.90
C LEU A 107 -16.07 -28.23 10.95
N SER A 108 -16.74 -28.81 9.97
CA SER A 108 -16.08 -29.68 9.00
C SER A 108 -14.88 -28.99 8.34
N LEU A 109 -13.79 -29.73 8.18
CA LEU A 109 -12.59 -29.17 7.57
C LEU A 109 -12.78 -28.89 6.08
N ASP A 110 -13.78 -29.51 5.47
CA ASP A 110 -14.03 -29.29 4.06
C ASP A 110 -14.94 -28.09 3.84
N PHE A 111 -15.87 -27.87 4.77
CA PHE A 111 -16.75 -26.71 4.64
C PHE A 111 -15.94 -25.43 4.87
N ALA A 112 -14.85 -25.57 5.63
CA ALA A 112 -13.97 -24.45 5.93
C ALA A 112 -13.07 -24.13 4.74
N SER A 113 -12.63 -25.17 4.04
CA SER A 113 -11.77 -24.99 2.88
C SER A 113 -12.49 -24.24 1.78
N GLN A 114 -13.81 -24.35 1.77
CA GLN A 114 -14.60 -23.63 0.77
C GLN A 114 -14.54 -22.17 1.15
N ILE A 115 -14.95 -21.89 2.39
CA ILE A 115 -14.95 -20.53 2.92
C ILE A 115 -13.60 -19.90 2.63
N LEU A 116 -12.53 -20.64 2.92
CA LEU A 116 -11.19 -20.15 2.70
C LEU A 116 -10.95 -19.76 1.27
N LYS A 117 -11.31 -20.65 0.34
CA LYS A 117 -11.13 -20.40 -1.10
C LYS A 117 -11.98 -19.24 -1.59
N GLU A 118 -13.28 -19.30 -1.31
CA GLU A 118 -14.17 -18.23 -1.71
C GLU A 118 -13.51 -16.90 -1.35
N ALA A 119 -13.06 -16.78 -0.10
CA ALA A 119 -12.41 -15.56 0.37
C ALA A 119 -11.20 -15.20 -0.48
N SER A 120 -10.43 -16.21 -0.89
CA SER A 120 -9.22 -16.00 -1.69
C SER A 120 -9.51 -15.41 -3.07
N ILE A 121 -10.72 -15.68 -3.57
CA ILE A 121 -11.13 -15.19 -4.88
C ILE A 121 -11.41 -13.70 -4.82
N LEU A 122 -12.25 -13.31 -3.86
CA LEU A 122 -12.63 -11.92 -3.67
C LEU A 122 -11.37 -11.07 -3.52
N GLU A 123 -10.33 -11.68 -2.93
CA GLU A 123 -9.07 -10.99 -2.69
C GLU A 123 -8.07 -11.34 -3.81
N ASN B 15 3.54 9.26 29.71
CA ASN B 15 4.98 9.59 29.47
C ASN B 15 5.80 8.71 30.42
N ASP B 16 6.35 9.31 31.48
CA ASP B 16 7.09 8.56 32.48
C ASP B 16 5.94 8.02 33.31
N LEU B 17 4.83 8.76 33.27
CA LEU B 17 3.62 8.43 34.01
C LEU B 17 2.95 7.13 33.54
N TYR B 18 2.66 7.03 32.25
CA TYR B 18 2.03 5.83 31.72
C TYR B 18 2.95 4.63 31.87
N ILE B 19 4.25 4.89 31.81
CA ILE B 19 5.22 3.81 31.96
C ILE B 19 5.21 3.27 33.39
N ASN B 20 5.17 4.16 34.38
CA ASN B 20 5.15 3.73 35.76
C ASN B 20 3.89 2.93 36.01
N TRP B 21 2.77 3.48 35.57
CA TRP B 21 1.49 2.80 35.71
C TRP B 21 1.58 1.38 35.11
N LEU B 22 2.24 1.28 33.95
CA LEU B 22 2.43 0.00 33.28
C LEU B 22 3.21 -0.99 34.15
N LYS B 23 4.27 -0.47 34.79
CA LYS B 23 5.15 -1.23 35.66
C LYS B 23 4.46 -1.61 36.96
N SER B 24 3.40 -0.88 37.28
CA SER B 24 2.61 -1.11 38.49
C SER B 24 1.69 -2.30 38.31
N LEU B 25 1.32 -2.60 37.07
CA LEU B 25 0.41 -3.70 36.77
C LEU B 25 0.92 -5.05 37.28
N SER B 26 0.01 -5.81 37.88
CA SER B 26 0.34 -7.12 38.42
C SER B 26 0.69 -8.09 37.29
N PHE B 27 -0.01 -7.97 36.17
CA PHE B 27 0.26 -8.84 35.03
C PHE B 27 1.68 -8.61 34.59
N PHE B 28 2.10 -7.35 34.59
CA PHE B 28 3.45 -7.00 34.18
C PHE B 28 4.48 -7.58 35.16
N GLN B 29 4.19 -7.48 36.46
CA GLN B 29 5.10 -7.98 37.49
C GLN B 29 5.28 -9.50 37.53
N THR B 30 4.29 -10.26 37.05
CA THR B 30 4.40 -11.72 37.09
C THR B 30 5.09 -12.31 35.85
N ASN B 31 5.26 -11.49 34.83
CA ASN B 31 5.91 -11.94 33.60
C ASN B 31 7.24 -11.19 33.45
N SER B 32 8.29 -11.78 34.00
CA SER B 32 9.63 -11.18 33.94
C SER B 32 10.02 -10.85 32.51
N SER B 33 9.47 -11.61 31.56
CA SER B 33 9.78 -11.39 30.15
C SER B 33 9.30 -10.00 29.71
N CYS B 34 8.21 -9.54 30.31
CA CYS B 34 7.68 -8.22 30.01
C CYS B 34 8.64 -7.14 30.49
N ALA B 35 9.29 -7.39 31.63
CA ALA B 35 10.24 -6.45 32.19
C ALA B 35 11.46 -6.37 31.30
N GLU B 36 12.06 -7.51 31.02
CA GLU B 36 13.23 -7.57 30.16
C GLU B 36 12.91 -6.85 28.86
N ALA B 37 11.62 -6.78 28.53
CA ALA B 37 11.18 -6.11 27.31
C ALA B 37 11.12 -4.60 27.49
N LEU B 38 10.42 -4.14 28.53
CA LEU B 38 10.30 -2.71 28.80
C LEU B 38 11.68 -2.08 28.96
N VAL B 39 12.58 -2.80 29.61
CA VAL B 39 13.93 -2.30 29.82
C VAL B 39 14.62 -2.08 28.46
N LYS B 40 14.40 -3.00 27.53
CA LYS B 40 15.01 -2.91 26.20
C LYS B 40 14.20 -2.11 25.18
N VAL B 41 13.02 -1.64 25.56
CA VAL B 41 12.19 -0.89 24.62
C VAL B 41 12.00 0.58 25.03
N ILE B 42 12.00 0.83 26.34
CA ILE B 42 11.79 2.18 26.85
C ILE B 42 12.73 3.23 26.24
N PRO B 43 13.98 2.84 25.90
CA PRO B 43 14.89 3.83 25.32
C PRO B 43 14.36 4.45 24.02
N HIS B 44 13.86 3.59 23.12
CA HIS B 44 13.34 4.03 21.84
C HIS B 44 12.07 4.85 22.02
N TYR B 45 11.47 4.73 23.20
CA TYR B 45 10.26 5.49 23.53
C TYR B 45 10.72 6.86 24.01
N HIS B 46 11.89 6.90 24.63
CA HIS B 46 12.45 8.16 25.12
C HIS B 46 12.94 8.94 23.89
N ASN B 47 13.57 8.22 22.95
CA ASN B 47 14.08 8.85 21.74
C ASN B 47 12.98 9.23 20.74
N LYS B 48 11.72 8.98 21.11
CA LYS B 48 10.58 9.30 20.26
C LYS B 48 10.54 8.52 18.95
N LEU B 49 11.12 7.32 18.96
CA LEU B 49 11.12 6.47 17.79
C LEU B 49 9.77 5.77 17.72
N ILE B 50 9.28 5.38 18.89
CA ILE B 50 8.00 4.69 19.00
C ILE B 50 7.11 5.35 20.04
N ASP B 51 5.81 5.08 19.95
CA ASP B 51 4.85 5.66 20.88
C ASP B 51 4.41 4.67 21.97
N PHE B 52 3.58 5.15 22.90
CA PHE B 52 3.14 4.29 24.00
C PHE B 52 2.40 3.03 23.56
N SER B 53 1.52 3.16 22.57
CA SER B 53 0.76 2.03 22.03
C SER B 53 1.74 0.96 21.56
N GLN B 54 2.80 1.39 20.91
CA GLN B 54 3.81 0.46 20.41
C GLN B 54 4.57 -0.16 21.58
N VAL B 55 4.82 0.63 22.61
CA VAL B 55 5.53 0.12 23.79
C VAL B 55 4.72 -1.04 24.38
N LEU B 56 3.42 -0.80 24.55
CA LEU B 56 2.53 -1.82 25.10
C LEU B 56 2.46 -3.08 24.24
N GLN B 57 2.35 -2.91 22.94
CA GLN B 57 2.28 -4.08 22.05
C GLN B 57 3.58 -4.88 22.14
N LEU B 58 4.71 -4.19 22.10
CA LEU B 58 6.01 -4.85 22.19
C LEU B 58 6.23 -5.52 23.54
N VAL B 59 5.82 -4.87 24.63
CA VAL B 59 5.99 -5.42 25.98
C VAL B 59 5.07 -6.62 26.24
N PHE B 60 3.78 -6.46 25.96
CA PHE B 60 2.84 -7.54 26.18
C PHE B 60 2.99 -8.71 25.23
N SER B 61 3.68 -8.51 24.12
CA SER B 61 3.86 -9.60 23.17
C SER B 61 4.88 -10.60 23.71
N ALA B 62 5.71 -10.14 24.63
CA ALA B 62 6.73 -10.99 25.24
C ALA B 62 6.14 -11.84 26.37
N SER B 63 4.96 -11.49 26.82
CA SER B 63 4.31 -12.22 27.90
C SER B 63 4.14 -13.70 27.55
N GLU B 64 3.95 -14.55 28.56
CA GLU B 64 3.75 -15.96 28.29
C GLU B 64 3.01 -16.75 29.37
N LYS B 65 2.79 -16.14 30.52
CA LYS B 65 2.09 -16.81 31.60
C LYS B 65 0.73 -16.17 31.90
N PHE B 66 -0.35 -16.89 31.63
CA PHE B 66 -1.69 -16.39 31.93
C PHE B 66 -2.74 -17.44 31.66
N PRO B 67 -3.87 -17.39 32.40
CA PRO B 67 -4.96 -18.34 32.23
C PRO B 67 -5.49 -18.31 30.79
N ILE B 68 -5.74 -19.49 30.25
CA ILE B 68 -6.21 -19.64 28.88
C ILE B 68 -7.60 -20.23 28.80
N GLN B 69 -8.43 -19.64 27.95
CA GLN B 69 -9.80 -20.09 27.74
C GLN B 69 -10.01 -20.09 26.23
N GLU B 70 -10.29 -21.26 25.67
CA GLU B 70 -10.51 -21.39 24.24
C GLU B 70 -11.96 -21.08 23.88
N ASN B 71 -12.18 -20.61 22.66
CA ASN B 71 -13.53 -20.29 22.18
C ASN B 71 -14.47 -19.63 23.19
N GLN B 72 -14.03 -18.50 23.74
CA GLN B 72 -14.84 -17.76 24.72
C GLN B 72 -16.08 -17.16 24.04
N PRO B 73 -17.25 -17.24 24.72
CA PRO B 73 -18.56 -16.73 24.24
C PRO B 73 -18.54 -15.31 23.70
N LEU B 74 -19.38 -15.05 22.69
CA LEU B 74 -19.41 -13.71 22.10
C LEU B 74 -20.06 -12.62 22.97
N PRO B 75 -21.12 -12.97 23.72
CA PRO B 75 -21.74 -11.93 24.55
C PRO B 75 -20.76 -11.32 25.56
N GLU B 76 -19.94 -12.17 26.17
CA GLU B 76 -18.97 -11.72 27.15
C GLU B 76 -17.89 -10.86 26.46
N GLN B 77 -17.47 -11.28 25.28
CA GLN B 77 -16.49 -10.54 24.52
C GLN B 77 -17.01 -9.11 24.27
N LEU B 78 -18.25 -9.01 23.80
CA LEU B 78 -18.89 -7.74 23.51
C LEU B 78 -19.18 -6.84 24.70
N MET B 79 -19.38 -7.41 25.88
CA MET B 79 -19.68 -6.59 27.03
C MET B 79 -18.36 -6.05 27.59
N PHE B 80 -17.28 -6.72 27.23
CA PHE B 80 -15.94 -6.35 27.64
C PHE B 80 -15.47 -5.17 26.79
N LEU B 81 -15.87 -5.19 25.52
CA LEU B 81 -15.50 -4.15 24.57
C LEU B 81 -16.34 -2.89 24.75
N SER B 82 -17.60 -3.03 25.15
CA SER B 82 -18.45 -1.86 25.36
C SER B 82 -17.93 -1.16 26.60
N ASN B 83 -17.38 -1.96 27.50
CA ASN B 83 -16.83 -1.43 28.73
C ASN B 83 -15.46 -0.79 28.49
N LEU B 84 -14.65 -1.43 27.64
CA LEU B 84 -13.32 -0.94 27.30
C LEU B 84 -13.48 0.35 26.51
N GLU B 85 -14.56 0.42 25.74
CA GLU B 85 -14.83 1.60 24.92
C GLU B 85 -15.02 2.82 25.78
N LYS B 86 -15.48 2.62 27.01
CA LYS B 86 -15.74 3.74 27.91
C LYS B 86 -14.64 4.03 28.93
N GLN B 87 -13.52 3.33 28.82
CA GLN B 87 -12.42 3.53 29.76
C GLN B 87 -11.67 4.85 29.59
N THR B 88 -10.82 5.14 30.55
CA THR B 88 -9.97 6.33 30.55
C THR B 88 -8.70 5.99 29.76
N PRO B 89 -8.04 7.00 29.16
CA PRO B 89 -6.82 6.89 28.34
C PRO B 89 -5.88 5.71 28.57
N PHE B 90 -5.20 5.69 29.71
CA PHE B 90 -4.28 4.61 30.01
C PHE B 90 -4.92 3.23 30.04
N ALA B 91 -6.02 3.11 30.79
CA ALA B 91 -6.72 1.83 30.87
C ALA B 91 -7.13 1.34 29.49
N LYS B 92 -7.67 2.24 28.68
CA LYS B 92 -8.11 1.87 27.33
C LYS B 92 -6.99 1.28 26.48
N ALA B 93 -5.85 1.97 26.44
CA ALA B 93 -4.71 1.49 25.66
C ALA B 93 -4.22 0.10 26.10
N VAL B 94 -4.28 -0.14 27.41
CA VAL B 94 -3.85 -1.40 27.98
C VAL B 94 -4.90 -2.48 27.71
N GLY B 95 -6.16 -2.13 27.92
CA GLY B 95 -7.23 -3.08 27.70
C GLY B 95 -7.22 -3.60 26.27
N SER B 96 -7.03 -2.68 25.33
CA SER B 96 -6.99 -2.99 23.91
C SER B 96 -5.78 -3.85 23.55
N SER B 97 -4.63 -3.50 24.09
CA SER B 97 -3.42 -4.26 23.82
C SER B 97 -3.56 -5.70 24.34
N ILE B 98 -4.18 -5.81 25.51
CA ILE B 98 -4.44 -7.08 26.16
C ILE B 98 -5.52 -7.87 25.40
N TYR B 99 -6.46 -7.17 24.79
CA TYR B 99 -7.51 -7.84 24.04
C TYR B 99 -6.89 -8.60 22.87
N LYS B 100 -5.75 -8.10 22.38
CA LYS B 100 -5.02 -8.73 21.29
C LYS B 100 -4.65 -10.12 21.77
N LEU B 101 -4.22 -10.21 23.02
CA LEU B 101 -3.84 -11.47 23.61
C LEU B 101 -5.03 -12.39 23.85
N VAL B 102 -6.20 -11.80 24.05
CA VAL B 102 -7.40 -12.59 24.29
C VAL B 102 -7.88 -13.31 23.02
N THR B 103 -7.78 -12.61 21.90
CA THR B 103 -8.21 -13.15 20.63
C THR B 103 -7.18 -14.01 19.95
N GLY B 104 -5.92 -13.60 20.06
CA GLY B 104 -4.84 -14.35 19.43
C GLY B 104 -4.22 -15.47 20.24
N LYS B 105 -4.30 -15.37 21.56
CA LYS B 105 -3.70 -16.38 22.42
C LYS B 105 -4.67 -16.95 23.43
N ASN B 106 -5.94 -16.61 23.30
CA ASN B 106 -6.95 -17.14 24.19
C ASN B 106 -6.82 -16.73 25.65
N LEU B 107 -6.16 -15.60 25.89
CA LEU B 107 -6.02 -15.13 27.26
C LEU B 107 -7.43 -15.05 27.87
N SER B 108 -7.60 -15.68 29.01
CA SER B 108 -8.90 -15.70 29.66
C SER B 108 -9.47 -14.29 29.79
N LEU B 109 -10.71 -14.12 29.32
CA LEU B 109 -11.37 -12.83 29.33
C LEU B 109 -11.46 -12.18 30.71
N ASP B 110 -11.72 -12.98 31.73
CA ASP B 110 -11.83 -12.47 33.10
C ASP B 110 -10.50 -11.94 33.59
N PHE B 111 -9.42 -12.58 33.16
CA PHE B 111 -8.08 -12.17 33.54
C PHE B 111 -7.82 -10.78 32.93
N ALA B 112 -8.28 -10.61 31.70
CA ALA B 112 -8.12 -9.35 30.98
C ALA B 112 -8.94 -8.31 31.71
N SER B 113 -10.16 -8.70 32.09
CA SER B 113 -11.06 -7.80 32.79
C SER B 113 -10.45 -7.31 34.09
N GLN B 114 -9.59 -8.13 34.67
CA GLN B 114 -8.94 -7.76 35.92
C GLN B 114 -7.80 -6.79 35.66
N ILE B 115 -7.01 -7.06 34.62
CA ILE B 115 -5.89 -6.19 34.27
C ILE B 115 -6.43 -4.80 33.98
N LEU B 116 -7.59 -4.76 33.32
CA LEU B 116 -8.26 -3.52 32.94
C LEU B 116 -8.74 -2.81 34.18
N LYS B 117 -9.36 -3.58 35.09
CA LYS B 117 -9.87 -3.03 36.34
C LYS B 117 -8.72 -2.40 37.08
N GLU B 118 -7.62 -3.15 37.22
CA GLU B 118 -6.44 -2.69 37.92
C GLU B 118 -5.85 -1.40 37.35
N ALA B 119 -5.69 -1.35 36.02
CA ALA B 119 -5.15 -0.16 35.37
C ALA B 119 -6.17 0.95 35.44
N SER B 120 -7.44 0.56 35.47
CA SER B 120 -8.53 1.52 35.54
C SER B 120 -8.39 2.37 36.80
N ILE B 121 -7.89 1.72 37.85
CA ILE B 121 -7.71 2.37 39.15
C ILE B 121 -6.42 3.19 39.22
N LEU B 122 -5.31 2.64 38.75
CA LEU B 122 -4.04 3.35 38.78
C LEU B 122 -4.18 4.72 38.10
N GLU B 123 -5.09 4.80 37.13
CA GLU B 123 -5.32 6.03 36.40
C GLU B 123 -6.38 6.87 37.12
N ASN C 15 12.30 19.74 2.65
CA ASN C 15 11.56 20.87 2.02
C ASN C 15 11.32 20.44 0.58
N ASP C 16 11.49 21.36 -0.37
CA ASP C 16 11.33 21.01 -1.77
C ASP C 16 12.64 20.28 -2.02
N LEU C 17 12.82 19.20 -1.28
CA LEU C 17 14.00 18.37 -1.32
C LEU C 17 13.60 17.07 -0.63
N TYR C 18 12.86 17.21 0.48
CA TYR C 18 12.34 16.07 1.21
C TYR C 18 11.18 15.53 0.40
N ILE C 19 10.43 16.45 -0.20
CA ILE C 19 9.30 16.07 -1.03
C ILE C 19 9.85 15.21 -2.14
N ASN C 20 10.97 15.63 -2.71
CA ASN C 20 11.56 14.86 -3.78
C ASN C 20 12.16 13.55 -3.30
N TRP C 21 12.79 13.57 -2.15
CA TRP C 21 13.35 12.33 -1.62
C TRP C 21 12.21 11.34 -1.39
N LEU C 22 11.11 11.84 -0.84
CA LEU C 22 9.93 11.02 -0.58
C LEU C 22 9.41 10.39 -1.87
N LYS C 23 9.31 11.21 -2.91
CA LYS C 23 8.82 10.77 -4.20
C LYS C 23 9.77 9.80 -4.89
N SER C 24 10.99 9.67 -4.35
CA SER C 24 12.01 8.78 -4.91
C SER C 24 11.93 7.37 -4.35
N LEU C 25 11.28 7.23 -3.20
CA LEU C 25 11.15 5.93 -2.58
C LEU C 25 10.23 5.00 -3.37
N SER C 26 10.67 3.77 -3.56
CA SER C 26 9.88 2.80 -4.33
C SER C 26 8.54 2.56 -3.64
N PHE C 27 8.57 2.55 -2.31
CA PHE C 27 7.36 2.32 -1.53
C PHE C 27 6.33 3.37 -1.93
N PHE C 28 6.82 4.56 -2.21
CA PHE C 28 5.98 5.66 -2.63
C PHE C 28 5.55 5.47 -4.08
N GLN C 29 6.49 5.07 -4.93
CA GLN C 29 6.18 4.90 -6.33
C GLN C 29 5.28 3.71 -6.62
N THR C 30 5.32 2.69 -5.76
CA THR C 30 4.49 1.51 -5.95
C THR C 30 3.12 1.61 -5.29
N ASN C 31 2.85 2.75 -4.66
CA ASN C 31 1.58 3.03 -3.97
C ASN C 31 0.96 4.34 -4.44
N SER C 32 0.11 4.29 -5.46
CA SER C 32 -0.53 5.51 -5.97
C SER C 32 -1.32 6.21 -4.86
N SER C 33 -1.78 5.45 -3.88
CA SER C 33 -2.53 6.00 -2.76
C SER C 33 -1.69 7.03 -2.02
N CYS C 34 -0.40 6.71 -1.83
CA CYS C 34 0.51 7.62 -1.16
C CYS C 34 0.64 8.90 -1.98
N ALA C 35 0.62 8.74 -3.30
CA ALA C 35 0.73 9.88 -4.21
C ALA C 35 -0.46 10.82 -4.06
N GLU C 36 -1.66 10.25 -4.01
CA GLU C 36 -2.86 11.07 -3.82
C GLU C 36 -2.74 11.78 -2.47
N ALA C 37 -2.40 11.00 -1.44
CA ALA C 37 -2.25 11.54 -0.09
C ALA C 37 -1.32 12.75 -0.14
N LEU C 38 -0.10 12.56 -0.60
CA LEU C 38 0.85 13.65 -0.70
C LEU C 38 0.19 14.90 -1.31
N VAL C 39 -0.60 14.71 -2.37
CA VAL C 39 -1.29 15.82 -3.04
C VAL C 39 -2.24 16.57 -2.10
N LYS C 40 -3.06 15.83 -1.36
CA LYS C 40 -4.01 16.45 -0.45
C LYS C 40 -3.38 16.95 0.84
N VAL C 41 -2.28 16.32 1.23
CA VAL C 41 -1.58 16.67 2.46
C VAL C 41 -0.56 17.80 2.35
N ILE C 42 0.14 17.88 1.22
CA ILE C 42 1.18 18.88 1.11
C ILE C 42 0.74 20.36 1.27
N PRO C 43 -0.49 20.70 0.90
CA PRO C 43 -0.89 22.10 1.07
C PRO C 43 -0.75 22.59 2.52
N HIS C 44 -1.17 21.76 3.48
CA HIS C 44 -1.10 22.12 4.89
C HIS C 44 0.33 22.27 5.32
N TYR C 45 1.20 21.53 4.65
CA TYR C 45 2.63 21.58 4.92
C TYR C 45 3.17 22.93 4.44
N HIS C 46 2.70 23.39 3.27
CA HIS C 46 3.10 24.68 2.72
C HIS C 46 2.54 25.83 3.54
N ASN C 47 1.34 25.67 4.10
CA ASN C 47 0.72 26.71 4.93
C ASN C 47 1.26 26.62 6.35
N LYS C 48 2.25 25.74 6.53
CA LYS C 48 2.91 25.55 7.80
C LYS C 48 2.05 25.08 8.99
N LEU C 49 1.07 24.22 8.74
CA LEU C 49 0.24 23.69 9.84
C LEU C 49 0.96 22.43 10.33
N ILE C 50 1.64 21.75 9.42
CA ILE C 50 2.34 20.52 9.77
C ILE C 50 3.76 20.57 9.23
N ASP C 51 4.65 19.81 9.83
CA ASP C 51 6.04 19.73 9.39
C ASP C 51 6.17 18.49 8.47
N PHE C 52 7.37 18.25 7.95
CA PHE C 52 7.58 17.13 7.04
C PHE C 52 7.51 15.75 7.68
N SER C 53 7.88 15.63 8.93
CA SER C 53 7.77 14.33 9.59
C SER C 53 6.28 13.95 9.59
N GLN C 54 5.40 14.93 9.81
CA GLN C 54 3.97 14.69 9.81
C GLN C 54 3.53 14.30 8.40
N VAL C 55 4.01 15.03 7.39
CA VAL C 55 3.69 14.72 6.01
C VAL C 55 4.03 13.25 5.76
N LEU C 56 5.18 12.82 6.24
CA LEU C 56 5.59 11.43 6.05
C LEU C 56 4.63 10.44 6.66
N GLN C 57 4.21 10.72 7.89
CA GLN C 57 3.32 9.83 8.57
C GLN C 57 2.00 9.73 7.82
N LEU C 58 1.40 10.88 7.54
CA LEU C 58 0.14 10.93 6.82
C LEU C 58 0.22 10.19 5.50
N VAL C 59 1.17 10.58 4.65
CA VAL C 59 1.33 9.92 3.36
C VAL C 59 1.44 8.39 3.46
N PHE C 60 2.30 7.91 4.36
CA PHE C 60 2.47 6.48 4.53
C PHE C 60 1.27 5.77 5.12
N SER C 61 0.46 6.50 5.86
CA SER C 61 -0.73 5.91 6.45
C SER C 61 -1.67 5.55 5.33
N ALA C 62 -1.41 6.11 4.15
CA ALA C 62 -2.26 5.86 3.00
C ALA C 62 -1.80 4.66 2.15
N SER C 63 -0.61 4.16 2.44
CA SER C 63 -0.04 3.04 1.68
C SER C 63 -0.90 1.80 1.77
N GLU C 64 -0.93 1.04 0.68
CA GLU C 64 -1.74 -0.17 0.62
C GLU C 64 -0.97 -1.39 0.16
N LYS C 65 0.05 -1.17 -0.65
CA LYS C 65 0.83 -2.28 -1.19
C LYS C 65 2.15 -2.55 -0.49
N PHE C 66 2.21 -3.67 0.22
CA PHE C 66 3.43 -4.06 0.90
C PHE C 66 3.33 -5.46 1.51
N PRO C 67 4.49 -6.10 1.75
CA PRO C 67 4.54 -7.45 2.34
C PRO C 67 4.20 -7.46 3.84
N ILE C 68 3.31 -8.38 4.21
CA ILE C 68 2.85 -8.50 5.59
C ILE C 68 3.38 -9.73 6.34
N GLN C 69 4.45 -9.56 7.10
CA GLN C 69 5.03 -10.64 7.90
C GLN C 69 4.37 -10.62 9.27
N GLU C 70 3.40 -11.49 9.51
CA GLU C 70 2.74 -11.47 10.81
C GLU C 70 3.64 -12.02 11.91
N ASN C 71 3.66 -11.31 13.04
CA ASN C 71 4.45 -11.70 14.20
C ASN C 71 5.95 -11.71 13.94
N GLN C 72 6.63 -10.69 14.44
CA GLN C 72 8.07 -10.60 14.30
C GLN C 72 8.63 -10.61 15.72
N PRO C 73 9.43 -11.64 16.04
CA PRO C 73 10.04 -11.78 17.36
C PRO C 73 10.66 -10.49 17.88
N LEU C 74 10.38 -10.17 19.14
CA LEU C 74 10.90 -8.96 19.77
C LEU C 74 12.34 -8.65 19.43
N PRO C 75 13.20 -9.67 19.36
CA PRO C 75 14.60 -9.39 19.03
C PRO C 75 14.74 -8.60 17.72
N GLU C 76 14.15 -9.12 16.65
CA GLU C 76 14.19 -8.48 15.33
C GLU C 76 13.75 -7.02 15.44
N GLN C 77 12.71 -6.79 16.24
CA GLN C 77 12.19 -5.45 16.44
C GLN C 77 13.26 -4.53 17.01
N LEU C 78 13.68 -4.82 18.24
CA LEU C 78 14.71 -4.03 18.91
C LEU C 78 15.94 -3.82 18.02
N MET C 79 16.28 -4.84 17.23
CA MET C 79 17.44 -4.77 16.35
C MET C 79 17.23 -3.74 15.25
N PHE C 80 15.98 -3.61 14.77
CA PHE C 80 15.64 -2.66 13.73
C PHE C 80 15.53 -1.25 14.28
N LEU C 81 15.13 -1.15 15.55
CA LEU C 81 14.99 0.15 16.20
C LEU C 81 16.31 0.80 16.58
N SER C 82 17.26 -0.01 17.03
CA SER C 82 18.58 0.49 17.43
C SER C 82 19.37 0.90 16.19
N ASN C 83 19.05 0.27 15.07
CA ASN C 83 19.67 0.55 13.78
C ASN C 83 19.04 1.86 13.29
N LEU C 84 17.74 2.02 13.51
CA LEU C 84 17.00 3.22 13.11
C LEU C 84 17.45 4.41 13.97
N GLU C 85 17.79 4.11 15.21
CA GLU C 85 18.23 5.10 16.19
C GLU C 85 19.40 5.94 15.69
N LYS C 86 20.37 5.26 15.07
CA LYS C 86 21.57 5.91 14.57
C LYS C 86 21.55 6.28 13.09
N GLN C 87 20.35 6.48 12.54
CA GLN C 87 20.21 6.86 11.14
C GLN C 87 20.26 8.37 11.01
N THR C 88 20.30 8.86 9.77
CA THR C 88 20.30 10.29 9.53
C THR C 88 18.87 10.81 9.62
N PRO C 89 18.71 12.14 9.79
CA PRO C 89 17.41 12.82 9.91
C PRO C 89 16.24 12.33 9.05
N PHE C 90 16.40 12.38 7.72
CA PHE C 90 15.33 11.95 6.82
C PHE C 90 15.05 10.47 6.99
N ALA C 91 16.12 9.67 6.99
CA ALA C 91 16.00 8.23 7.16
C ALA C 91 15.35 7.91 8.50
N LYS C 92 15.68 8.67 9.54
CA LYS C 92 15.05 8.43 10.84
C LYS C 92 13.56 8.69 10.74
N ALA C 93 13.19 9.82 10.14
CA ALA C 93 11.79 10.17 9.98
C ALA C 93 11.05 9.14 9.14
N VAL C 94 11.67 8.72 8.04
CA VAL C 94 11.03 7.73 7.18
C VAL C 94 10.90 6.41 7.89
N GLY C 95 11.92 6.03 8.64
CA GLY C 95 11.87 4.78 9.36
C GLY C 95 10.82 4.74 10.44
N SER C 96 10.72 5.83 11.21
CA SER C 96 9.77 5.93 12.28
C SER C 96 8.33 5.82 11.78
N SER C 97 8.03 6.47 10.66
CA SER C 97 6.68 6.41 10.11
C SER C 97 6.33 5.03 9.61
N ILE C 98 7.32 4.37 9.01
CA ILE C 98 7.13 3.04 8.49
C ILE C 98 6.98 2.02 9.61
N TYR C 99 7.68 2.24 10.73
CA TYR C 99 7.58 1.32 11.84
C TYR C 99 6.14 1.32 12.39
N LYS C 100 5.45 2.44 12.24
CA LYS C 100 4.05 2.55 12.67
C LYS C 100 3.28 1.44 11.96
N LEU C 101 3.49 1.31 10.65
CA LEU C 101 2.85 0.27 9.84
C LEU C 101 3.32 -1.12 10.26
N VAL C 102 4.61 -1.22 10.57
CA VAL C 102 5.20 -2.49 11.02
C VAL C 102 4.42 -3.06 12.20
N THR C 103 4.19 -2.23 13.21
CA THR C 103 3.48 -2.65 14.41
C THR C 103 1.97 -2.66 14.24
N GLY C 104 1.43 -1.69 13.50
CA GLY C 104 0.00 -1.63 13.31
C GLY C 104 -0.60 -2.36 12.12
N LYS C 105 0.23 -2.83 11.20
CA LYS C 105 -0.28 -3.53 10.02
C LYS C 105 0.61 -4.71 9.66
N ASN C 106 1.58 -4.96 10.55
CA ASN C 106 2.50 -6.07 10.38
C ASN C 106 3.32 -5.99 9.10
N LEU C 107 3.61 -4.75 8.70
CA LEU C 107 4.41 -4.49 7.51
C LEU C 107 5.74 -5.19 7.75
N SER C 108 6.19 -5.98 6.79
CA SER C 108 7.44 -6.72 6.89
C SER C 108 8.64 -5.89 7.32
N LEU C 109 9.34 -6.38 8.34
CA LEU C 109 10.52 -5.70 8.89
C LEU C 109 11.61 -5.65 7.83
N ASP C 110 11.78 -6.73 7.07
CA ASP C 110 12.78 -6.76 6.00
C ASP C 110 12.45 -5.62 5.05
N PHE C 111 11.27 -5.71 4.44
CA PHE C 111 10.80 -4.70 3.50
C PHE C 111 11.03 -3.31 4.12
N ALA C 112 10.66 -3.17 5.39
CA ALA C 112 10.84 -1.90 6.08
C ALA C 112 12.31 -1.50 6.01
N SER C 113 13.19 -2.41 6.41
CA SER C 113 14.62 -2.14 6.39
C SER C 113 15.04 -1.62 5.03
N GLN C 114 14.47 -2.21 3.99
CA GLN C 114 14.75 -1.82 2.61
C GLN C 114 14.36 -0.37 2.37
N ILE C 115 13.11 -0.03 2.67
CA ILE C 115 12.62 1.33 2.50
C ILE C 115 13.59 2.31 3.17
N LEU C 116 14.00 1.96 4.39
CA LEU C 116 14.91 2.77 5.21
C LEU C 116 16.31 2.91 4.59
N LYS C 117 16.77 1.85 3.93
CA LYS C 117 18.09 1.87 3.30
C LYS C 117 18.08 2.88 2.16
N GLU C 118 17.05 2.76 1.33
CA GLU C 118 16.85 3.62 0.17
C GLU C 118 16.78 5.11 0.50
N ALA C 119 16.18 5.43 1.64
CA ALA C 119 16.08 6.81 2.07
C ALA C 119 17.39 7.23 2.70
N SER C 120 18.08 6.25 3.28
CA SER C 120 19.37 6.48 3.91
C SER C 120 20.33 6.95 2.83
N ILE C 121 20.21 6.32 1.66
CA ILE C 121 21.00 6.62 0.48
C ILE C 121 20.75 8.03 -0.09
N LEU C 122 19.50 8.31 -0.45
CA LEU C 122 19.13 9.62 -1.02
C LEU C 122 19.65 10.75 -0.15
N GLU C 123 19.85 10.45 1.12
CA GLU C 123 20.33 11.42 2.08
C GLU C 123 21.85 11.34 2.22
N ASN D 15 -1.03 38.50 24.98
CA ASN D 15 -0.17 38.47 26.20
C ASN D 15 -0.88 37.67 27.27
N ASP D 16 -1.75 38.34 28.02
CA ASP D 16 -2.51 37.69 29.07
C ASP D 16 -3.68 36.96 28.43
N LEU D 17 -4.36 37.68 27.55
CA LEU D 17 -5.52 37.14 26.86
C LEU D 17 -5.33 35.69 26.45
N TYR D 18 -4.36 35.42 25.59
CA TYR D 18 -4.07 34.06 25.13
C TYR D 18 -3.63 33.12 26.24
N ILE D 19 -2.75 33.61 27.11
CA ILE D 19 -2.27 32.82 28.22
C ILE D 19 -3.43 32.35 29.10
N ASN D 20 -4.34 33.26 29.37
CA ASN D 20 -5.47 32.92 30.20
C ASN D 20 -6.35 31.87 29.56
N TRP D 21 -6.56 31.98 28.25
CA TRP D 21 -7.37 31.00 27.53
C TRP D 21 -6.66 29.63 27.57
N LEU D 22 -5.34 29.66 27.46
CA LEU D 22 -4.55 28.43 27.52
C LEU D 22 -4.90 27.72 28.82
N LYS D 23 -4.97 28.51 29.90
CA LYS D 23 -5.29 27.99 31.22
C LYS D 23 -6.74 27.52 31.35
N SER D 24 -7.58 27.87 30.38
CA SER D 24 -8.99 27.48 30.42
C SER D 24 -9.28 26.21 29.61
N LEU D 25 -8.23 25.50 29.20
CA LEU D 25 -8.43 24.28 28.43
C LEU D 25 -8.54 23.06 29.34
N SER D 26 -9.47 22.16 29.01
CA SER D 26 -9.65 20.96 29.79
C SER D 26 -8.33 20.22 29.77
N PHE D 27 -7.71 20.18 28.60
CA PHE D 27 -6.45 19.48 28.42
C PHE D 27 -5.39 20.01 29.37
N PHE D 28 -5.32 21.34 29.46
CA PHE D 28 -4.36 21.99 30.33
C PHE D 28 -4.65 21.68 31.79
N GLN D 29 -5.88 21.96 32.21
CA GLN D 29 -6.31 21.75 33.58
C GLN D 29 -6.21 20.31 34.08
N THR D 30 -6.23 19.35 33.17
CA THR D 30 -6.12 17.97 33.59
C THR D 30 -4.67 17.51 33.53
N ASN D 31 -3.77 18.43 33.16
CA ASN D 31 -2.36 18.08 33.07
C ASN D 31 -1.50 18.97 33.95
N SER D 32 -1.34 18.59 35.21
CA SER D 32 -0.54 19.37 36.15
C SER D 32 0.86 19.59 35.58
N SER D 33 1.35 18.62 34.83
CA SER D 33 2.68 18.76 34.23
C SER D 33 2.70 19.98 33.32
N CYS D 34 1.56 20.27 32.68
CA CYS D 34 1.46 21.43 31.78
C CYS D 34 1.35 22.74 32.54
N ALA D 35 0.57 22.74 33.60
CA ALA D 35 0.41 23.92 34.42
C ALA D 35 1.80 24.24 34.97
N GLU D 36 2.51 23.21 35.39
CA GLU D 36 3.84 23.38 35.96
C GLU D 36 4.87 23.90 34.97
N ALA D 37 4.75 23.53 33.70
CA ALA D 37 5.68 23.99 32.68
C ALA D 37 5.38 25.45 32.31
N LEU D 38 4.10 25.82 32.35
CA LEU D 38 3.69 27.18 32.04
C LEU D 38 4.39 28.14 32.99
N VAL D 39 4.18 27.92 34.28
CA VAL D 39 4.79 28.73 35.33
C VAL D 39 6.26 28.99 35.02
N LYS D 40 7.01 27.92 34.79
CA LYS D 40 8.44 28.04 34.49
C LYS D 40 8.71 28.77 33.18
N VAL D 41 7.90 28.50 32.17
CA VAL D 41 8.09 29.12 30.86
C VAL D 41 7.54 30.54 30.73
N ILE D 42 6.45 30.83 31.42
CA ILE D 42 5.82 32.14 31.30
C ILE D 42 6.70 33.37 31.53
N PRO D 43 7.70 33.28 32.42
CA PRO D 43 8.54 34.48 32.62
C PRO D 43 9.32 34.84 31.35
N HIS D 44 9.82 33.82 30.65
CA HIS D 44 10.58 34.03 29.41
C HIS D 44 9.69 34.63 28.32
N TYR D 45 8.39 34.51 28.51
CA TYR D 45 7.41 35.03 27.58
C TYR D 45 7.24 36.52 27.84
N HIS D 46 7.23 36.87 29.12
CA HIS D 46 7.10 38.26 29.55
C HIS D 46 8.33 39.07 29.16
N ASN D 47 9.52 38.54 29.46
CA ASN D 47 10.77 39.22 29.15
C ASN D 47 11.04 39.17 27.64
N LYS D 48 10.08 38.62 26.90
CA LYS D 48 10.14 38.49 25.44
C LYS D 48 11.34 37.78 24.83
N LEU D 49 11.68 36.62 25.40
CA LEU D 49 12.76 35.81 24.87
C LEU D 49 12.08 34.79 23.99
N ILE D 50 10.85 34.48 24.34
CA ILE D 50 10.08 33.53 23.59
C ILE D 50 8.71 34.10 23.26
N ASP D 51 8.08 33.57 22.21
CA ASP D 51 6.77 34.01 21.78
C ASP D 51 5.70 32.99 22.20
N PHE D 52 4.43 33.37 22.04
CA PHE D 52 3.34 32.49 22.44
C PHE D 52 3.30 31.11 21.76
N SER D 53 3.76 31.03 20.52
CA SER D 53 3.76 29.75 19.81
C SER D 53 4.73 28.82 20.54
N GLN D 54 5.86 29.38 20.96
CA GLN D 54 6.87 28.61 21.67
C GLN D 54 6.34 28.17 23.02
N VAL D 55 5.51 29.03 23.61
CA VAL D 55 4.89 28.75 24.89
C VAL D 55 4.03 27.50 24.72
N LEU D 56 3.11 27.55 23.76
CA LEU D 56 2.24 26.42 23.47
C LEU D 56 3.02 25.12 23.29
N GLN D 57 4.12 25.21 22.56
CA GLN D 57 4.99 24.08 22.26
C GLN D 57 5.70 23.53 23.51
N LEU D 58 6.31 24.40 24.31
CA LEU D 58 7.00 23.93 25.51
C LEU D 58 6.04 23.29 26.49
N VAL D 59 4.91 23.95 26.70
CA VAL D 59 3.87 23.51 27.59
C VAL D 59 3.24 22.20 27.17
N PHE D 60 2.78 22.12 25.92
CA PHE D 60 2.13 20.91 25.46
C PHE D 60 3.09 19.73 25.39
N SER D 61 4.37 20.01 25.15
CA SER D 61 5.35 18.95 25.09
C SER D 61 5.37 18.27 26.46
N ALA D 62 5.06 19.04 27.49
CA ALA D 62 5.06 18.51 28.84
C ALA D 62 3.89 17.59 29.18
N SER D 63 2.80 17.69 28.43
CA SER D 63 1.60 16.87 28.68
C SER D 63 1.83 15.38 28.74
N GLU D 64 1.03 14.70 29.57
CA GLU D 64 1.14 13.26 29.77
C GLU D 64 -0.17 12.47 29.68
N LYS D 65 -1.29 13.12 30.02
CA LYS D 65 -2.60 12.47 30.02
C LYS D 65 -3.57 12.89 28.92
N PHE D 66 -3.96 11.94 28.07
CA PHE D 66 -4.89 12.22 26.99
C PHE D 66 -5.21 10.92 26.25
N PRO D 67 -6.39 10.84 25.62
CA PRO D 67 -6.77 9.63 24.88
C PRO D 67 -5.73 9.30 23.81
N ILE D 68 -5.46 7.99 23.66
CA ILE D 68 -4.49 7.50 22.68
C ILE D 68 -5.22 6.63 21.66
N GLN D 69 -4.96 6.88 20.38
CA GLN D 69 -5.61 6.14 19.31
C GLN D 69 -4.62 5.93 18.16
N GLU D 70 -4.16 4.68 18.02
CA GLU D 70 -3.20 4.32 16.98
C GLU D 70 -3.81 4.26 15.59
N ASN D 71 -3.09 4.81 14.61
CA ASN D 71 -3.49 4.82 13.19
C ASN D 71 -4.87 5.38 12.80
N GLN D 72 -5.01 6.71 12.87
CA GLN D 72 -6.27 7.36 12.53
C GLN D 72 -6.35 7.66 11.01
N PRO D 73 -7.42 7.18 10.37
CA PRO D 73 -7.68 7.33 8.93
C PRO D 73 -7.30 8.68 8.32
N LEU D 74 -6.63 8.64 7.15
CA LEU D 74 -6.19 9.87 6.48
C LEU D 74 -7.31 10.85 6.16
N PRO D 75 -8.49 10.35 5.77
CA PRO D 75 -9.60 11.27 5.46
C PRO D 75 -9.95 12.09 6.72
N GLU D 76 -10.11 11.41 7.84
CA GLU D 76 -10.41 12.07 9.10
C GLU D 76 -9.37 13.16 9.37
N GLN D 77 -8.10 12.81 9.18
CA GLN D 77 -7.01 13.76 9.39
C GLN D 77 -7.26 14.99 8.51
N LEU D 78 -7.45 14.75 7.22
CA LEU D 78 -7.70 15.84 6.26
C LEU D 78 -8.88 16.71 6.69
N MET D 79 -9.85 16.09 7.35
CA MET D 79 -11.03 16.78 7.84
C MET D 79 -10.58 17.79 8.90
N PHE D 80 -9.80 17.28 9.85
CA PHE D 80 -9.25 18.07 10.94
C PHE D 80 -8.41 19.25 10.43
N LEU D 81 -7.42 18.96 9.61
CA LEU D 81 -6.57 20.01 9.06
C LEU D 81 -7.34 21.04 8.24
N SER D 82 -8.39 20.62 7.55
CA SER D 82 -9.17 21.56 6.75
C SER D 82 -9.83 22.60 7.64
N ASN D 83 -10.39 22.15 8.76
CA ASN D 83 -11.03 23.06 9.70
C ASN D 83 -9.97 23.94 10.33
N LEU D 84 -8.99 23.31 10.94
CA LEU D 84 -7.90 24.03 11.59
C LEU D 84 -7.38 25.11 10.67
N GLU D 85 -7.32 24.83 9.38
CA GLU D 85 -6.83 25.79 8.43
C GLU D 85 -7.61 27.10 8.55
N LYS D 86 -8.92 26.97 8.75
CA LYS D 86 -9.81 28.12 8.84
C LYS D 86 -10.12 28.60 10.26
N GLN D 87 -9.30 28.26 11.24
CA GLN D 87 -9.54 28.70 12.62
C GLN D 87 -9.11 30.12 12.95
N THR D 88 -9.65 30.68 14.03
CA THR D 88 -9.27 32.02 14.50
C THR D 88 -7.86 31.91 15.10
N PRO D 89 -7.12 33.02 15.19
CA PRO D 89 -5.76 32.97 15.74
C PRO D 89 -5.45 32.04 16.91
N PHE D 90 -5.98 32.35 18.08
CA PHE D 90 -5.70 31.54 19.26
C PHE D 90 -5.97 30.05 19.07
N ALA D 91 -7.17 29.71 18.59
CA ALA D 91 -7.56 28.33 18.37
C ALA D 91 -6.71 27.63 17.32
N LYS D 92 -6.30 28.34 16.29
CA LYS D 92 -5.49 27.76 15.23
C LYS D 92 -4.09 27.43 15.74
N ALA D 93 -3.56 28.31 16.59
CA ALA D 93 -2.24 28.10 17.17
C ALA D 93 -2.26 26.85 18.05
N VAL D 94 -3.31 26.72 18.84
CA VAL D 94 -3.51 25.58 19.74
C VAL D 94 -3.68 24.26 18.97
N GLY D 95 -4.57 24.28 17.98
CA GLY D 95 -4.79 23.10 17.17
C GLY D 95 -3.50 22.56 16.55
N SER D 96 -2.66 23.46 16.04
CA SER D 96 -1.40 23.06 15.43
C SER D 96 -0.43 22.42 16.41
N SER D 97 -0.34 22.93 17.63
CA SER D 97 0.57 22.34 18.61
C SER D 97 0.02 20.98 18.98
N ILE D 98 -1.27 20.97 19.27
CA ILE D 98 -1.98 19.76 19.66
C ILE D 98 -1.84 18.67 18.59
N TYR D 99 -1.89 19.09 17.34
CA TYR D 99 -1.78 18.14 16.22
C TYR D 99 -0.45 17.39 16.30
N LYS D 100 0.61 18.07 16.70
CA LYS D 100 1.91 17.44 16.80
C LYS D 100 1.86 16.30 17.80
N LEU D 101 0.87 16.35 18.68
CA LEU D 101 0.68 15.28 19.66
C LEU D 101 -0.10 14.13 19.01
N VAL D 102 -0.97 14.45 18.06
CA VAL D 102 -1.77 13.46 17.34
C VAL D 102 -0.84 12.56 16.54
N THR D 103 -0.02 13.18 15.72
CA THR D 103 0.92 12.45 14.89
C THR D 103 2.07 11.87 15.72
N GLY D 104 2.62 12.68 16.62
CA GLY D 104 3.73 12.22 17.44
C GLY D 104 3.45 11.25 18.59
N LYS D 105 2.36 11.45 19.32
CA LYS D 105 2.06 10.57 20.43
C LYS D 105 0.74 9.84 20.31
N ASN D 106 0.10 9.97 19.17
CA ASN D 106 -1.19 9.32 18.93
C ASN D 106 -2.29 9.96 19.75
N LEU D 107 -2.21 11.26 19.97
CA LEU D 107 -3.26 11.93 20.72
C LEU D 107 -4.46 11.68 19.81
N SER D 108 -5.51 11.09 20.37
CA SER D 108 -6.71 10.78 19.60
C SER D 108 -7.25 12.02 18.90
N LEU D 109 -7.69 11.83 17.66
CA LEU D 109 -8.21 12.93 16.84
C LEU D 109 -9.48 13.56 17.37
N ASP D 110 -10.40 12.77 17.92
CA ASP D 110 -11.62 13.34 18.48
C ASP D 110 -11.26 14.29 19.61
N PHE D 111 -10.32 13.86 20.45
CA PHE D 111 -9.88 14.66 21.58
C PHE D 111 -9.29 15.98 21.13
N ALA D 112 -8.38 15.91 20.15
CA ALA D 112 -7.74 17.11 19.62
C ALA D 112 -8.84 17.96 19.04
N SER D 113 -9.82 17.28 18.45
CA SER D 113 -10.94 17.95 17.83
C SER D 113 -11.75 18.69 18.88
N GLN D 114 -11.84 18.12 20.08
CA GLN D 114 -12.60 18.79 21.15
C GLN D 114 -11.82 19.95 21.79
N ILE D 115 -10.51 19.78 21.96
CA ILE D 115 -9.71 20.85 22.52
C ILE D 115 -9.79 22.02 21.56
N LEU D 116 -9.98 21.73 20.28
CA LEU D 116 -10.08 22.79 19.29
C LEU D 116 -11.43 23.49 19.44
N LYS D 117 -12.50 22.73 19.62
CA LYS D 117 -13.84 23.29 19.79
C LYS D 117 -13.83 24.22 20.99
N GLU D 118 -13.17 23.76 22.02
CA GLU D 118 -13.03 24.45 23.29
C GLU D 118 -12.26 25.76 23.15
N ALA D 119 -11.10 25.70 22.48
CA ALA D 119 -10.28 26.88 22.26
C ALA D 119 -11.07 27.92 21.47
N SER D 120 -11.92 27.45 20.56
CA SER D 120 -12.73 28.32 19.72
C SER D 120 -13.78 29.08 20.52
N ILE D 121 -14.35 28.42 21.52
CA ILE D 121 -15.36 29.01 22.38
C ILE D 121 -14.82 30.21 23.16
N LEU D 122 -13.61 30.05 23.69
CA LEU D 122 -12.96 31.10 24.47
C LEU D 122 -12.67 32.30 23.57
N GLU D 123 -12.35 32.01 22.33
CA GLU D 123 -12.03 33.04 21.36
C GLU D 123 -13.29 33.72 20.80
N ASN E 15 7.22 -27.93 -42.79
CA ASN E 15 8.26 -28.45 -41.86
C ASN E 15 9.64 -28.32 -42.49
N ASP E 16 10.04 -29.31 -43.30
CA ASP E 16 11.32 -29.20 -43.98
C ASP E 16 11.11 -28.02 -44.91
N LEU E 17 9.95 -28.04 -45.58
CA LEU E 17 9.55 -26.98 -46.51
C LEU E 17 9.88 -25.60 -46.00
N TYR E 18 9.26 -25.26 -44.90
CA TYR E 18 9.45 -23.97 -44.24
C TYR E 18 10.89 -23.62 -43.96
N ILE E 19 11.65 -24.58 -43.45
CA ILE E 19 13.05 -24.32 -43.16
C ILE E 19 13.80 -24.00 -44.45
N ASN E 20 13.48 -24.74 -45.51
CA ASN E 20 14.12 -24.49 -46.80
C ASN E 20 13.66 -23.15 -47.35
N TRP E 21 12.38 -22.83 -47.16
CA TRP E 21 11.86 -21.57 -47.63
C TRP E 21 12.52 -20.43 -46.85
N LEU E 22 12.63 -20.60 -45.55
CA LEU E 22 13.27 -19.58 -44.71
C LEU E 22 14.65 -19.27 -45.27
N LYS E 23 15.46 -20.32 -45.42
CA LYS E 23 16.81 -20.20 -45.93
C LYS E 23 16.83 -19.55 -47.31
N SER E 24 15.75 -19.70 -48.06
CA SER E 24 15.69 -19.14 -49.40
C SER E 24 15.56 -17.61 -49.41
N LEU E 25 14.92 -17.04 -48.39
CA LEU E 25 14.73 -15.60 -48.34
C LEU E 25 16.03 -14.80 -48.42
N SER E 26 16.01 -13.73 -49.21
CA SER E 26 17.18 -12.88 -49.40
C SER E 26 17.56 -12.29 -48.06
N PHE E 27 16.54 -11.89 -47.30
CA PHE E 27 16.76 -11.30 -45.99
C PHE E 27 17.46 -12.28 -45.04
N PHE E 28 17.37 -13.57 -45.34
CA PHE E 28 18.03 -14.57 -44.52
C PHE E 28 19.43 -14.85 -45.04
N GLN E 29 19.66 -14.58 -46.31
CA GLN E 29 20.97 -14.82 -46.88
C GLN E 29 21.91 -13.63 -46.69
N THR E 30 21.36 -12.43 -46.67
CA THR E 30 22.18 -11.24 -46.47
C THR E 30 22.51 -11.02 -44.99
N ASN E 31 22.03 -11.92 -44.13
CA ASN E 31 22.28 -11.83 -42.68
C ASN E 31 22.82 -13.13 -42.11
N SER E 32 24.15 -13.28 -42.06
CA SER E 32 24.74 -14.50 -41.51
C SER E 32 24.26 -14.66 -40.07
N SER E 33 24.07 -13.54 -39.40
CA SER E 33 23.60 -13.54 -38.02
C SER E 33 22.40 -14.47 -37.92
N CYS E 34 21.45 -14.30 -38.85
CA CYS E 34 20.26 -15.14 -38.87
C CYS E 34 20.61 -16.62 -38.99
N ALA E 35 21.57 -16.91 -39.87
CA ALA E 35 21.99 -18.29 -40.10
C ALA E 35 22.52 -18.91 -38.81
N GLU E 36 23.21 -18.10 -38.00
CA GLU E 36 23.75 -18.58 -36.74
C GLU E 36 22.59 -18.84 -35.78
N ALA E 37 21.58 -17.98 -35.84
CA ALA E 37 20.40 -18.08 -34.99
C ALA E 37 19.58 -19.35 -35.25
N LEU E 38 19.30 -19.63 -36.52
CA LEU E 38 18.54 -20.82 -36.87
C LEU E 38 19.22 -22.11 -36.34
N VAL E 39 20.55 -22.14 -36.41
CA VAL E 39 21.27 -23.32 -35.94
C VAL E 39 20.97 -23.59 -34.49
N LYS E 40 21.08 -22.56 -33.65
CA LYS E 40 20.83 -22.71 -32.23
C LYS E 40 19.35 -22.88 -31.92
N VAL E 41 18.49 -22.24 -32.71
CA VAL E 41 17.04 -22.31 -32.51
C VAL E 41 16.37 -23.60 -33.01
N ILE E 42 16.77 -24.04 -34.21
CA ILE E 42 16.16 -25.21 -34.82
C ILE E 42 16.11 -26.49 -34.00
N PRO E 43 17.08 -26.71 -33.12
CA PRO E 43 17.02 -27.95 -32.31
C PRO E 43 15.71 -28.01 -31.49
N HIS E 44 15.28 -26.85 -31.01
CA HIS E 44 14.06 -26.79 -30.21
C HIS E 44 12.81 -27.02 -31.05
N TYR E 45 12.93 -26.73 -32.35
CA TYR E 45 11.84 -26.94 -33.29
C TYR E 45 11.64 -28.43 -33.49
N HIS E 46 12.73 -29.14 -33.80
CA HIS E 46 12.66 -30.59 -34.02
C HIS E 46 12.20 -31.33 -32.77
N ASN E 47 12.53 -30.79 -31.60
CA ASN E 47 12.15 -31.41 -30.34
C ASN E 47 10.78 -30.95 -29.96
N LYS E 48 10.10 -30.34 -30.92
CA LYS E 48 8.74 -29.87 -30.74
C LYS E 48 8.44 -28.97 -29.55
N LEU E 49 9.41 -28.14 -29.15
CA LEU E 49 9.19 -27.22 -28.03
C LEU E 49 8.59 -25.92 -28.55
N ILE E 50 8.91 -25.59 -29.80
CA ILE E 50 8.40 -24.38 -30.42
C ILE E 50 7.85 -24.75 -31.79
N ASP E 51 7.00 -23.90 -32.36
CA ASP E 51 6.46 -24.15 -33.69
C ASP E 51 7.26 -23.37 -34.72
N PHE E 52 6.84 -23.38 -35.98
CA PHE E 52 7.60 -22.65 -36.97
C PHE E 52 7.51 -21.13 -36.81
N SER E 53 6.35 -20.65 -36.36
CA SER E 53 6.17 -19.21 -36.15
C SER E 53 7.21 -18.63 -35.19
N GLN E 54 7.41 -19.31 -34.07
CA GLN E 54 8.37 -18.83 -33.10
C GLN E 54 9.78 -18.90 -33.71
N VAL E 55 10.07 -19.98 -34.43
CA VAL E 55 11.36 -20.11 -35.08
C VAL E 55 11.62 -18.85 -35.92
N LEU E 56 10.62 -18.44 -36.71
CA LEU E 56 10.77 -17.24 -37.54
C LEU E 56 11.07 -16.00 -36.72
N GLN E 57 10.31 -15.81 -35.65
CA GLN E 57 10.48 -14.63 -34.80
C GLN E 57 11.89 -14.61 -34.20
N LEU E 58 12.29 -15.73 -33.60
CA LEU E 58 13.59 -15.81 -32.98
C LEU E 58 14.71 -15.49 -33.96
N VAL E 59 14.73 -16.21 -35.07
CA VAL E 59 15.74 -16.01 -36.11
C VAL E 59 15.76 -14.58 -36.62
N PHE E 60 14.60 -14.07 -37.02
CA PHE E 60 14.55 -12.69 -37.50
C PHE E 60 14.91 -11.65 -36.44
N SER E 61 14.77 -12.00 -35.16
CA SER E 61 15.12 -11.05 -34.11
C SER E 61 16.63 -10.77 -34.17
N ALA E 62 17.37 -11.74 -34.70
CA ALA E 62 18.81 -11.67 -34.82
C ALA E 62 19.30 -11.02 -36.13
N SER E 63 18.40 -10.42 -36.90
CA SER E 63 18.79 -9.78 -38.15
C SER E 63 19.48 -8.45 -37.86
N GLU E 64 20.59 -8.19 -38.56
CA GLU E 64 21.38 -6.98 -38.35
C GLU E 64 21.35 -5.93 -39.46
N LYS E 65 21.32 -6.38 -40.71
CA LYS E 65 21.34 -5.45 -41.83
C LYS E 65 19.99 -5.29 -42.52
N PHE E 66 19.54 -4.05 -42.62
CA PHE E 66 18.28 -3.76 -43.27
C PHE E 66 17.98 -2.25 -43.27
N PRO E 67 17.39 -1.74 -44.35
CA PRO E 67 17.07 -0.30 -44.40
C PRO E 67 16.22 0.14 -43.19
N ILE E 68 16.54 1.32 -42.66
CA ILE E 68 15.86 1.83 -41.48
C ILE E 68 15.04 3.10 -41.73
N GLN E 69 13.78 2.95 -42.11
CA GLN E 69 12.90 4.08 -42.32
C GLN E 69 12.62 4.71 -40.97
N GLU E 70 12.23 5.97 -40.97
CA GLU E 70 11.92 6.68 -39.73
C GLU E 70 10.47 7.10 -39.76
N ASN E 71 9.76 6.82 -38.67
CA ASN E 71 8.34 7.16 -38.56
C ASN E 71 7.63 7.09 -39.93
N GLN E 72 7.11 5.91 -40.20
CA GLN E 72 6.38 5.63 -41.43
C GLN E 72 4.91 5.85 -41.05
N PRO E 73 4.16 6.62 -41.84
CA PRO E 73 2.75 6.93 -41.61
C PRO E 73 1.84 5.76 -41.27
N LEU E 74 0.77 6.05 -40.52
CA LEU E 74 -0.20 5.04 -40.13
C LEU E 74 -0.94 4.42 -41.32
N PRO E 75 -1.29 5.23 -42.33
CA PRO E 75 -2.00 4.68 -43.49
C PRO E 75 -1.19 3.63 -44.26
N GLU E 76 0.14 3.71 -44.20
CA GLU E 76 0.99 2.74 -44.88
C GLU E 76 1.03 1.46 -44.05
N GLN E 77 1.10 1.64 -42.72
CA GLN E 77 1.13 0.53 -41.78
C GLN E 77 -0.11 -0.31 -42.05
N LEU E 78 -1.27 0.33 -42.00
CA LEU E 78 -2.53 -0.34 -42.22
C LEU E 78 -2.57 -0.95 -43.61
N MET E 79 -1.89 -0.31 -44.55
CA MET E 79 -1.84 -0.81 -45.92
C MET E 79 -1.09 -2.13 -45.93
N PHE E 80 0.02 -2.16 -45.21
CA PHE E 80 0.84 -3.35 -45.11
C PHE E 80 0.09 -4.46 -44.40
N LEU E 81 -0.51 -4.12 -43.28
CA LEU E 81 -1.24 -5.10 -42.48
C LEU E 81 -2.47 -5.69 -43.18
N SER E 82 -3.06 -4.95 -44.10
CA SER E 82 -4.23 -5.44 -44.84
C SER E 82 -3.79 -6.53 -45.80
N ASN E 83 -2.72 -6.23 -46.54
CA ASN E 83 -2.14 -7.17 -47.50
C ASN E 83 -1.61 -8.39 -46.74
N LEU E 84 -1.02 -8.15 -45.57
CA LEU E 84 -0.47 -9.23 -44.75
C LEU E 84 -1.56 -10.20 -44.31
N GLU E 85 -2.68 -9.66 -43.83
CA GLU E 85 -3.79 -10.48 -43.36
C GLU E 85 -4.28 -11.46 -44.43
N LYS E 86 -4.11 -11.09 -45.69
CA LYS E 86 -4.56 -11.93 -46.79
C LYS E 86 -3.57 -12.97 -47.27
N GLN E 87 -2.32 -12.87 -46.83
CA GLN E 87 -1.28 -13.81 -47.23
C GLN E 87 -1.49 -15.26 -46.83
N THR E 88 -0.85 -16.16 -47.58
CA THR E 88 -0.93 -17.58 -47.29
C THR E 88 -0.14 -17.85 -46.03
N PRO E 89 -0.39 -19.00 -45.36
CA PRO E 89 0.26 -19.45 -44.12
C PRO E 89 1.72 -19.05 -43.88
N PHE E 90 2.62 -19.58 -44.69
CA PHE E 90 4.04 -19.28 -44.55
C PHE E 90 4.40 -17.79 -44.68
N ALA E 91 3.89 -17.14 -45.71
CA ALA E 91 4.18 -15.73 -45.94
C ALA E 91 3.65 -14.85 -44.81
N LYS E 92 2.50 -15.22 -44.28
CA LYS E 92 1.91 -14.47 -43.19
C LYS E 92 2.80 -14.55 -41.96
N ALA E 93 3.27 -15.76 -41.66
CA ALA E 93 4.13 -15.97 -40.50
C ALA E 93 5.40 -15.15 -40.68
N VAL E 94 5.77 -14.90 -41.94
CA VAL E 94 6.96 -14.14 -42.27
C VAL E 94 6.72 -12.65 -42.10
N GLY E 95 5.59 -12.17 -42.63
CA GLY E 95 5.26 -10.76 -42.54
C GLY E 95 5.03 -10.33 -41.12
N SER E 96 4.39 -11.19 -40.33
CA SER E 96 4.15 -10.87 -38.93
C SER E 96 5.48 -10.81 -38.18
N SER E 97 6.39 -11.74 -38.50
CA SER E 97 7.69 -11.76 -37.85
C SER E 97 8.51 -10.52 -38.20
N ILE E 98 8.48 -10.12 -39.47
CA ILE E 98 9.22 -8.96 -39.93
C ILE E 98 8.61 -7.65 -39.44
N TYR E 99 7.29 -7.61 -39.26
CA TYR E 99 6.63 -6.40 -38.79
C TYR E 99 7.04 -6.08 -37.36
N LYS E 100 7.54 -7.09 -36.64
CA LYS E 100 8.01 -6.92 -35.29
C LYS E 100 9.24 -6.02 -35.34
N LEU E 101 10.06 -6.20 -36.38
CA LEU E 101 11.28 -5.42 -36.57
C LEU E 101 10.92 -4.02 -37.09
N VAL E 102 9.82 -3.94 -37.83
CA VAL E 102 9.36 -2.67 -38.37
C VAL E 102 9.04 -1.74 -37.20
N THR E 103 8.17 -2.21 -36.32
CA THR E 103 7.76 -1.44 -35.15
C THR E 103 8.88 -1.32 -34.11
N GLY E 104 9.47 -2.44 -33.74
CA GLY E 104 10.51 -2.41 -32.72
C GLY E 104 11.92 -2.01 -33.13
N LYS E 105 12.20 -1.87 -34.43
CA LYS E 105 13.54 -1.49 -34.86
C LYS E 105 13.54 -0.56 -36.05
N ASN E 106 12.35 -0.14 -36.45
CA ASN E 106 12.19 0.77 -37.59
C ASN E 106 12.68 0.21 -38.92
N LEU E 107 12.55 -1.10 -39.10
CA LEU E 107 12.94 -1.72 -40.36
C LEU E 107 12.05 -1.10 -41.41
N SER E 108 12.61 -0.81 -42.58
CA SER E 108 11.86 -0.17 -43.66
C SER E 108 10.60 -0.95 -44.06
N LEU E 109 9.48 -0.24 -44.10
CA LEU E 109 8.20 -0.84 -44.44
C LEU E 109 8.20 -1.38 -45.88
N ASP E 110 8.88 -0.67 -46.76
CA ASP E 110 8.95 -1.09 -48.17
C ASP E 110 9.79 -2.34 -48.25
N PHE E 111 10.85 -2.37 -47.44
CA PHE E 111 11.76 -3.51 -47.37
C PHE E 111 10.98 -4.72 -46.85
N ALA E 112 10.10 -4.44 -45.90
CA ALA E 112 9.25 -5.46 -45.30
C ALA E 112 8.39 -6.08 -46.40
N SER E 113 7.78 -5.21 -47.21
CA SER E 113 6.91 -5.66 -48.30
C SER E 113 7.64 -6.56 -49.29
N GLN E 114 8.87 -6.19 -49.60
CA GLN E 114 9.69 -6.97 -50.53
C GLN E 114 9.92 -8.38 -49.99
N ILE E 115 10.22 -8.48 -48.69
CA ILE E 115 10.47 -9.77 -48.03
C ILE E 115 9.22 -10.62 -48.12
N LEU E 116 8.08 -9.97 -47.97
CA LEU E 116 6.76 -10.59 -48.02
C LEU E 116 6.37 -11.01 -49.45
N LYS E 117 6.75 -10.22 -50.45
CA LYS E 117 6.45 -10.58 -51.84
C LYS E 117 7.20 -11.89 -52.08
N GLU E 118 8.50 -11.85 -51.82
CA GLU E 118 9.40 -12.98 -51.97
C GLU E 118 8.90 -14.23 -51.24
N ALA E 119 8.49 -14.06 -50.00
CA ALA E 119 7.99 -15.17 -49.22
C ALA E 119 6.71 -15.71 -49.84
N SER E 120 5.93 -14.79 -50.43
CA SER E 120 4.67 -15.12 -51.07
C SER E 120 4.86 -15.98 -52.33
N ILE E 121 5.97 -15.73 -53.02
CA ILE E 121 6.31 -16.44 -54.24
C ILE E 121 6.87 -17.84 -53.89
N LEU E 122 7.59 -17.96 -52.79
CA LEU E 122 8.16 -19.25 -52.43
C LEU E 122 7.07 -20.29 -52.18
N GLU E 123 6.02 -19.88 -51.48
CA GLU E 123 4.92 -20.78 -51.16
C GLU E 123 4.22 -21.25 -52.44
N ASN F 15 -6.72 -8.14 -25.22
CA ASN F 15 -7.89 -8.68 -25.98
C ASN F 15 -9.15 -7.88 -25.65
N ASP F 16 -9.62 -8.02 -24.41
CA ASP F 16 -10.78 -7.26 -23.96
C ASP F 16 -10.27 -6.37 -22.85
N LEU F 17 -9.67 -7.00 -21.84
CA LEU F 17 -9.14 -6.27 -20.69
C LEU F 17 -8.37 -5.01 -21.06
N TYR F 18 -7.24 -5.19 -21.74
CA TYR F 18 -6.38 -4.08 -22.12
C TYR F 18 -6.96 -3.13 -23.16
N ILE F 19 -7.67 -3.65 -24.14
CA ILE F 19 -8.25 -2.78 -25.14
C ILE F 19 -9.31 -1.90 -24.49
N ASN F 20 -9.99 -2.44 -23.48
CA ASN F 20 -11.02 -1.68 -22.78
C ASN F 20 -10.39 -0.63 -21.90
N TRP F 21 -9.28 -0.97 -21.26
CA TRP F 21 -8.59 0.00 -20.42
C TRP F 21 -7.99 1.09 -21.29
N LEU F 22 -7.49 0.71 -22.45
CA LEU F 22 -6.92 1.68 -23.37
C LEU F 22 -7.96 2.75 -23.73
N LYS F 23 -9.23 2.39 -23.68
CA LYS F 23 -10.29 3.32 -24.00
C LYS F 23 -10.72 4.11 -22.75
N SER F 24 -10.43 3.55 -21.58
CA SER F 24 -10.78 4.22 -20.33
C SER F 24 -9.85 5.40 -20.10
N LEU F 25 -8.86 5.55 -20.98
CA LEU F 25 -7.87 6.62 -20.87
C LEU F 25 -8.31 7.92 -21.54
N SER F 26 -8.46 8.96 -20.72
CA SER F 26 -8.88 10.27 -21.19
C SER F 26 -8.07 10.74 -22.39
N PHE F 27 -6.78 10.46 -22.38
CA PHE F 27 -5.92 10.86 -23.48
C PHE F 27 -6.34 10.13 -24.74
N PHE F 28 -6.89 8.95 -24.56
CA PHE F 28 -7.35 8.17 -25.71
C PHE F 28 -8.61 8.82 -26.20
N GLN F 29 -9.48 9.14 -25.25
CA GLN F 29 -10.78 9.73 -25.51
C GLN F 29 -10.74 11.14 -26.09
N THR F 30 -9.78 11.95 -25.66
CA THR F 30 -9.69 13.31 -26.18
C THR F 30 -9.04 13.37 -27.58
N ASN F 31 -8.47 12.26 -28.04
CA ASN F 31 -7.86 12.23 -29.37
C ASN F 31 -8.65 11.31 -30.29
N SER F 32 -9.61 11.89 -30.99
CA SER F 32 -10.45 11.13 -31.92
C SER F 32 -9.54 10.34 -32.84
N SER F 33 -8.40 10.95 -33.17
CA SER F 33 -7.40 10.35 -34.04
C SER F 33 -7.02 8.94 -33.61
N CYS F 34 -6.96 8.73 -32.30
CA CYS F 34 -6.60 7.43 -31.73
C CYS F 34 -7.78 6.47 -31.78
N ALA F 35 -8.97 7.00 -31.53
CA ALA F 35 -10.18 6.20 -31.55
C ALA F 35 -10.22 5.52 -32.92
N GLU F 36 -10.15 6.33 -33.96
CA GLU F 36 -10.19 5.88 -35.34
C GLU F 36 -9.05 4.93 -35.66
N ALA F 37 -7.87 5.22 -35.12
CA ALA F 37 -6.72 4.38 -35.36
C ALA F 37 -7.00 2.97 -34.84
N LEU F 38 -7.41 2.87 -33.57
CA LEU F 38 -7.71 1.58 -32.94
C LEU F 38 -8.75 0.81 -33.74
N VAL F 39 -9.69 1.54 -34.31
CA VAL F 39 -10.74 0.95 -35.12
C VAL F 39 -10.12 0.17 -36.26
N LYS F 40 -9.29 0.85 -37.03
CA LYS F 40 -8.62 0.24 -38.17
C LYS F 40 -7.44 -0.64 -37.80
N VAL F 41 -7.10 -0.72 -36.52
CA VAL F 41 -5.95 -1.53 -36.11
C VAL F 41 -6.28 -2.77 -35.29
N ILE F 42 -7.31 -2.66 -34.46
CA ILE F 42 -7.72 -3.75 -33.59
C ILE F 42 -7.97 -5.09 -34.30
N PRO F 43 -8.40 -5.06 -35.57
CA PRO F 43 -8.65 -6.33 -36.27
C PRO F 43 -7.39 -7.22 -36.31
N HIS F 44 -6.25 -6.60 -36.61
CA HIS F 44 -4.96 -7.29 -36.68
C HIS F 44 -4.52 -7.75 -35.29
N TYR F 45 -5.02 -7.09 -34.26
CA TYR F 45 -4.68 -7.49 -32.91
C TYR F 45 -5.47 -8.78 -32.65
N HIS F 46 -6.71 -8.79 -33.16
CA HIS F 46 -7.56 -9.96 -33.00
C HIS F 46 -7.17 -11.10 -33.94
N ASN F 47 -6.41 -10.81 -34.99
CA ASN F 47 -5.98 -11.86 -35.91
C ASN F 47 -4.51 -12.28 -35.70
N LYS F 48 -3.98 -11.93 -34.53
CA LYS F 48 -2.62 -12.27 -34.11
C LYS F 48 -1.46 -11.85 -35.00
N LEU F 49 -1.69 -10.85 -35.86
CA LEU F 49 -0.65 -10.36 -36.72
C LEU F 49 0.22 -9.38 -35.92
N ILE F 50 -0.40 -8.73 -34.94
CA ILE F 50 0.30 -7.76 -34.09
C ILE F 50 -0.07 -7.94 -32.63
N ASP F 51 0.84 -7.50 -31.75
CA ASP F 51 0.62 -7.58 -30.31
C ASP F 51 0.17 -6.23 -29.73
N PHE F 52 -0.20 -6.24 -28.45
CA PHE F 52 -0.69 -5.04 -27.78
C PHE F 52 0.25 -3.84 -27.84
N SER F 53 1.56 -4.07 -27.68
CA SER F 53 2.55 -3.01 -27.73
C SER F 53 2.50 -2.26 -29.06
N GLN F 54 2.43 -3.03 -30.14
CA GLN F 54 2.39 -2.46 -31.47
C GLN F 54 1.08 -1.73 -31.64
N VAL F 55 0.04 -2.25 -31.00
CA VAL F 55 -1.28 -1.62 -31.06
C VAL F 55 -1.16 -0.23 -30.44
N LEU F 56 -0.58 -0.17 -29.25
CA LEU F 56 -0.39 1.10 -28.54
C LEU F 56 0.44 2.05 -29.38
N GLN F 57 1.62 1.60 -29.80
CA GLN F 57 2.50 2.41 -30.63
C GLN F 57 1.72 3.01 -31.80
N LEU F 58 0.93 2.19 -32.49
CA LEU F 58 0.14 2.63 -33.63
C LEU F 58 -0.99 3.59 -33.24
N VAL F 59 -1.68 3.32 -32.13
CA VAL F 59 -2.78 4.21 -31.73
C VAL F 59 -2.25 5.56 -31.27
N PHE F 60 -1.14 5.54 -30.53
CA PHE F 60 -0.57 6.78 -30.02
C PHE F 60 0.26 7.56 -31.03
N SER F 61 0.61 6.95 -32.15
CA SER F 61 1.36 7.70 -33.15
C SER F 61 0.32 8.58 -33.85
N ALA F 62 -0.95 8.32 -33.54
CA ALA F 62 -2.06 9.05 -34.14
C ALA F 62 -2.48 10.28 -33.35
N SER F 63 -2.21 10.29 -32.04
CA SER F 63 -2.56 11.42 -31.17
C SER F 63 -2.07 12.76 -31.72
N GLU F 64 -2.64 13.86 -31.23
CA GLU F 64 -2.27 15.21 -31.69
C GLU F 64 -2.51 16.30 -30.67
N LYS F 65 -3.42 16.05 -29.74
CA LYS F 65 -3.76 17.04 -28.73
C LYS F 65 -3.25 16.68 -27.34
N PHE F 66 -2.22 17.39 -26.90
CA PHE F 66 -1.64 17.19 -25.57
C PHE F 66 -0.65 18.30 -25.34
N PRO F 67 -0.48 18.71 -24.08
CA PRO F 67 0.46 19.77 -23.77
C PRO F 67 1.88 19.48 -24.27
N ILE F 68 2.47 20.47 -24.91
CA ILE F 68 3.82 20.40 -25.45
C ILE F 68 4.77 20.96 -24.39
N GLN F 69 6.07 20.86 -24.63
CA GLN F 69 7.08 21.39 -23.71
C GLN F 69 8.49 21.09 -24.20
N GLU F 70 9.30 22.13 -24.32
CA GLU F 70 10.66 21.98 -24.79
C GLU F 70 11.64 21.67 -23.68
N ASN F 71 12.66 20.89 -24.04
CA ASN F 71 13.73 20.47 -23.14
C ASN F 71 13.34 20.25 -21.69
N GLN F 72 12.52 19.24 -21.41
CA GLN F 72 12.13 18.98 -20.03
C GLN F 72 13.34 18.43 -19.28
N PRO F 73 13.64 18.99 -18.11
CA PRO F 73 14.76 18.64 -17.22
C PRO F 73 15.00 17.15 -16.97
N LEU F 74 16.28 16.74 -17.03
CA LEU F 74 16.68 15.34 -16.83
C LEU F 74 16.29 14.73 -15.49
N PRO F 75 16.46 15.50 -14.38
CA PRO F 75 16.07 14.94 -13.09
C PRO F 75 14.62 14.49 -13.14
N GLU F 76 13.78 15.32 -13.74
CA GLU F 76 12.36 15.01 -13.89
C GLU F 76 12.18 13.80 -14.80
N GLN F 77 12.94 13.78 -15.89
CA GLN F 77 12.88 12.68 -16.82
C GLN F 77 13.25 11.39 -16.08
N LEU F 78 14.20 11.49 -15.14
CA LEU F 78 14.60 10.32 -14.37
C LEU F 78 13.54 9.89 -13.35
N MET F 79 12.94 10.86 -12.68
CA MET F 79 11.90 10.57 -11.69
C MET F 79 10.77 9.81 -12.36
N PHE F 80 10.40 10.25 -13.57
CA PHE F 80 9.33 9.60 -14.32
C PHE F 80 9.72 8.17 -14.68
N LEU F 81 10.86 8.02 -15.34
CA LEU F 81 11.30 6.69 -15.74
C LEU F 81 11.44 5.81 -14.51
N SER F 82 11.85 6.40 -13.39
CA SER F 82 12.00 5.62 -12.17
C SER F 82 10.64 5.06 -11.73
N ASN F 83 9.61 5.88 -11.83
CA ASN F 83 8.26 5.48 -11.46
C ASN F 83 7.67 4.52 -12.49
N LEU F 84 7.99 4.75 -13.75
CA LEU F 84 7.52 3.91 -14.84
C LEU F 84 8.04 2.49 -14.65
N GLU F 85 9.34 2.39 -14.36
CA GLU F 85 10.00 1.12 -14.15
C GLU F 85 9.23 0.22 -13.21
N LYS F 86 8.62 0.84 -12.20
CA LYS F 86 7.89 0.09 -11.19
C LYS F 86 6.39 -0.14 -11.37
N GLN F 87 5.81 0.36 -12.44
CA GLN F 87 4.38 0.18 -12.65
C GLN F 87 4.03 -1.26 -12.92
N THR F 88 2.73 -1.50 -12.97
CA THR F 88 2.20 -2.82 -13.24
C THR F 88 2.11 -2.95 -14.77
N PRO F 89 1.94 -4.17 -15.28
CA PRO F 89 1.84 -4.45 -16.72
C PRO F 89 1.24 -3.38 -17.64
N PHE F 90 -0.09 -3.30 -17.70
CA PHE F 90 -0.73 -2.34 -18.58
C PHE F 90 -0.19 -0.92 -18.49
N ALA F 91 -0.11 -0.39 -17.28
CA ALA F 91 0.39 0.98 -17.06
C ALA F 91 1.78 1.17 -17.63
N LYS F 92 2.68 0.23 -17.32
CA LYS F 92 4.04 0.29 -17.79
C LYS F 92 4.04 0.32 -19.32
N ALA F 93 3.21 -0.51 -19.93
CA ALA F 93 3.10 -0.57 -21.39
C ALA F 93 2.70 0.81 -21.96
N VAL F 94 1.65 1.39 -21.39
CA VAL F 94 1.15 2.70 -21.81
C VAL F 94 2.19 3.81 -21.59
N GLY F 95 2.83 3.77 -20.42
CA GLY F 95 3.80 4.78 -20.08
C GLY F 95 4.99 4.88 -21.03
N SER F 96 5.61 3.74 -21.33
CA SER F 96 6.75 3.77 -22.23
C SER F 96 6.35 4.10 -23.65
N SER F 97 5.11 3.77 -24.03
CA SER F 97 4.64 4.11 -25.37
C SER F 97 4.50 5.63 -25.39
N ILE F 98 3.78 6.14 -24.39
CA ILE F 98 3.55 7.57 -24.24
C ILE F 98 4.86 8.32 -24.10
N TYR F 99 5.85 7.69 -23.46
CA TYR F 99 7.12 8.33 -23.25
C TYR F 99 7.88 8.59 -24.55
N LYS F 100 7.51 7.87 -25.61
CA LYS F 100 8.14 8.08 -26.92
C LYS F 100 7.57 9.40 -27.44
N LEU F 101 6.35 9.73 -27.01
CA LEU F 101 5.69 10.98 -27.39
C LEU F 101 6.37 12.13 -26.66
N VAL F 102 6.80 11.86 -25.43
CA VAL F 102 7.47 12.84 -24.60
C VAL F 102 8.76 13.28 -25.28
N THR F 103 9.64 12.31 -25.47
CA THR F 103 10.95 12.55 -26.08
C THR F 103 10.89 12.94 -27.54
N GLY F 104 9.89 12.41 -28.24
CA GLY F 104 9.78 12.69 -29.65
C GLY F 104 8.99 13.92 -30.07
N LYS F 105 7.89 14.20 -29.37
CA LYS F 105 7.05 15.34 -29.71
C LYS F 105 6.91 16.33 -28.58
N ASN F 106 7.79 16.22 -27.59
CA ASN F 106 7.76 17.11 -26.44
C ASN F 106 6.48 17.04 -25.64
N LEU F 107 5.85 15.87 -25.58
CA LEU F 107 4.62 15.75 -24.80
C LEU F 107 5.03 16.07 -23.35
N SER F 108 4.28 16.97 -22.74
CA SER F 108 4.53 17.41 -21.38
C SER F 108 4.71 16.27 -20.36
N LEU F 109 5.83 16.31 -19.65
CA LEU F 109 6.14 15.28 -18.68
C LEU F 109 5.10 15.06 -17.57
N ASP F 110 4.49 16.14 -17.08
CA ASP F 110 3.47 15.99 -16.03
C ASP F 110 2.23 15.36 -16.66
N PHE F 111 2.00 15.63 -17.94
CA PHE F 111 0.86 15.10 -18.66
C PHE F 111 1.07 13.61 -18.88
N ALA F 112 2.29 13.24 -19.20
CA ALA F 112 2.58 11.84 -19.42
C ALA F 112 2.34 11.17 -18.07
N SER F 113 2.76 11.85 -17.01
CA SER F 113 2.59 11.35 -15.64
C SER F 113 1.12 11.18 -15.30
N GLN F 114 0.28 12.02 -15.87
CA GLN F 114 -1.15 11.95 -15.66
C GLN F 114 -1.72 10.68 -16.29
N ILE F 115 -1.36 10.44 -17.55
CA ILE F 115 -1.83 9.26 -18.26
C ILE F 115 -1.41 8.01 -17.50
N LEU F 116 -0.23 8.07 -16.91
CA LEU F 116 0.30 6.93 -16.18
C LEU F 116 -0.50 6.65 -14.90
N LYS F 117 -0.67 7.66 -14.08
CA LYS F 117 -1.43 7.52 -12.83
C LYS F 117 -2.80 6.91 -13.18
N GLU F 118 -3.48 7.55 -14.11
CA GLU F 118 -4.78 7.10 -14.57
C GLU F 118 -4.71 5.64 -15.00
N ALA F 119 -3.72 5.31 -15.83
CA ALA F 119 -3.57 3.95 -16.32
C ALA F 119 -3.35 2.94 -15.20
N SER F 120 -2.65 3.36 -14.15
CA SER F 120 -2.36 2.48 -13.04
C SER F 120 -3.62 2.14 -12.23
N ILE F 121 -4.33 3.17 -11.79
CA ILE F 121 -5.54 2.98 -11.00
C ILE F 121 -6.51 2.06 -11.75
N LEU F 122 -6.53 2.15 -13.08
CA LEU F 122 -7.39 1.31 -13.91
C LEU F 122 -6.94 -0.15 -13.76
N GLU F 123 -5.72 -0.32 -13.29
CA GLU F 123 -5.13 -1.64 -13.11
C GLU F 123 -4.90 -1.93 -11.63
#